data_7AK8
#
_entry.id   7AK8
#
_cell.length_a   96.140
_cell.length_b   96.140
_cell.length_c   120.638
_cell.angle_alpha   90.000
_cell.angle_beta   90.000
_cell.angle_gamma   120.000
#
_symmetry.space_group_name_H-M   'P 32'
#
loop_
_entity.id
_entity.type
_entity.pdbx_description
1 polymer 'GCN5 family acetyltransferase'
2 polymer 'TacA1 antitoxin peptide'
3 non-polymer 'ACETYL COENZYME *A'
4 non-polymer GLYCEROL
5 water water
#
loop_
_entity_poly.entity_id
_entity_poly.type
_entity_poly.pdbx_seq_one_letter_code
_entity_poly.pdbx_strand_id
1 'polypeptide(L)'
;MGSVGRVTAPEPLSAFHQVAEFVSGEAVLDDWLKQKGLKNQALGAARTFVVCKKDTKQVAGFYSLATGSVNHTEATGNLR
RNMPDPIPVIILARLAVDLSFHGKGLGADLLHDAVLRCYRVAENIGVRAIMVHALTEEAKNFFIHHGFKSSQTQQRTLFL
RLPQ
;
A,B,C,D,E,F
2 'polypeptide(L)' GSFNFNDEQYEEFINLLDAPVADDPVIEKLLARKPQWDV G,H,I,J,K,L
#
# COMPACT_ATOMS: atom_id res chain seq x y z
N ARG A 6 4.72 10.36 5.94
CA ARG A 6 6.12 10.62 5.43
C ARG A 6 6.43 12.14 5.43
N VAL A 7 5.43 12.96 5.73
CA VAL A 7 5.51 14.43 5.98
C VAL A 7 4.77 14.74 7.29
N THR A 8 5.10 15.85 7.94
CA THR A 8 4.52 16.22 9.26
C THR A 8 3.18 16.92 9.06
N ALA A 9 2.30 16.86 10.06
CA ALA A 9 0.98 17.53 10.06
C ALA A 9 1.16 19.04 9.95
N PRO A 10 0.24 19.78 9.27
CA PRO A 10 0.38 21.22 9.13
C PRO A 10 0.52 21.92 10.48
N GLU A 11 1.41 22.91 10.53
CA GLU A 11 1.66 23.72 11.75
C GLU A 11 1.82 25.17 11.31
N PRO A 12 1.53 26.14 12.19
CA PRO A 12 1.65 27.55 11.87
C PRO A 12 3.12 27.89 11.56
N LEU A 13 3.35 28.66 10.50
CA LEU A 13 4.71 29.14 10.13
C LEU A 13 5.35 29.81 11.35
N SER A 14 6.56 29.39 11.70
CA SER A 14 7.44 30.03 12.72
C SER A 14 8.80 30.38 12.11
N ALA A 15 9.57 31.22 12.80
CA ALA A 15 10.94 31.62 12.41
C ALA A 15 11.88 30.41 12.33
N PHE A 16 11.56 29.30 13.02
CA PHE A 16 12.39 28.07 13.05
C PHE A 16 12.17 27.20 11.81
N HIS A 17 11.19 27.49 10.97
CA HIS A 17 10.94 26.72 9.72
C HIS A 17 11.95 27.19 8.68
N GLN A 18 12.59 26.26 7.98
CA GLN A 18 13.57 26.55 6.90
C GLN A 18 12.82 26.62 5.57
N VAL A 19 12.80 27.80 4.97
CA VAL A 19 11.98 28.13 3.76
C VAL A 19 12.90 28.66 2.67
N ALA A 20 14.20 28.77 2.92
CA ALA A 20 15.19 29.42 2.01
C ALA A 20 15.30 28.64 0.70
N GLU A 21 15.29 27.30 0.76
CA GLU A 21 15.46 26.40 -0.42
C GLU A 21 14.10 25.88 -0.91
N PHE A 22 13.00 26.61 -0.67
CA PHE A 22 11.63 26.21 -1.11
C PHE A 22 11.42 26.70 -2.54
N VAL A 23 11.10 25.76 -3.44
CA VAL A 23 10.82 26.06 -4.88
C VAL A 23 9.53 25.32 -5.27
N SER A 24 8.51 26.06 -5.70
CA SER A 24 7.17 25.50 -6.06
C SER A 24 7.04 25.42 -7.58
N GLY A 25 7.67 26.34 -8.31
CA GLY A 25 7.46 26.51 -9.76
C GLY A 25 6.83 27.86 -10.05
N GLU A 26 6.08 28.40 -9.09
CA GLU A 26 5.59 29.80 -9.09
C GLU A 26 6.47 30.60 -8.13
N ALA A 27 7.28 31.52 -8.66
CA ALA A 27 8.32 32.27 -7.93
C ALA A 27 7.67 33.29 -7.00
N VAL A 28 6.51 33.85 -7.40
CA VAL A 28 5.75 34.87 -6.64
C VAL A 28 5.36 34.28 -5.27
N LEU A 29 4.89 33.03 -5.25
CA LEU A 29 4.47 32.31 -4.01
C LEU A 29 5.71 32.04 -3.15
N ASP A 30 6.78 31.51 -3.76
CA ASP A 30 8.05 31.16 -3.08
C ASP A 30 8.66 32.42 -2.44
N ASP A 31 8.60 33.56 -3.13
CA ASP A 31 9.14 34.86 -2.64
C ASP A 31 8.30 35.36 -1.46
N TRP A 32 6.97 35.30 -1.59
CA TRP A 32 6.04 35.72 -0.51
C TRP A 32 6.37 34.95 0.77
N LEU A 33 6.50 33.62 0.66
CA LEU A 33 6.78 32.74 1.82
C LEU A 33 8.05 33.21 2.53
N LYS A 34 9.14 33.41 1.77
CA LYS A 34 10.51 33.70 2.30
C LYS A 34 10.57 35.12 2.87
N GLN A 35 9.81 36.07 2.31
CA GLN A 35 9.98 37.52 2.58
C GLN A 35 8.81 38.13 3.35
N LYS A 36 7.63 37.49 3.37
CA LYS A 36 6.40 38.12 3.93
C LYS A 36 5.65 37.16 4.86
N GLY A 37 5.96 35.85 4.81
CA GLY A 37 5.30 34.84 5.65
C GLY A 37 5.25 35.26 7.12
N LEU A 38 6.42 35.42 7.74
CA LEU A 38 6.61 35.70 9.18
C LEU A 38 5.97 37.06 9.52
N LYS A 39 6.21 38.07 8.67
CA LYS A 39 5.77 39.47 8.93
C LYS A 39 4.25 39.46 9.07
N ASN A 40 3.56 38.83 8.11
CA ASN A 40 2.08 38.77 8.05
C ASN A 40 1.58 37.90 9.19
N GLN A 41 2.32 36.85 9.55
CA GLN A 41 1.97 35.97 10.70
C GLN A 41 1.87 36.86 11.96
N ALA A 42 2.86 37.71 12.18
CA ALA A 42 2.98 38.60 13.37
C ALA A 42 1.95 39.75 13.30
N LEU A 43 1.75 40.35 12.13
CA LEU A 43 0.72 41.39 11.89
C LEU A 43 -0.69 40.80 12.02
N GLY A 44 -0.84 39.50 11.75
CA GLY A 44 -2.15 38.82 11.71
C GLY A 44 -2.88 39.10 10.40
N ALA A 45 -2.19 39.63 9.39
CA ALA A 45 -2.77 39.98 8.07
C ALA A 45 -3.09 38.70 7.31
N ALA A 46 -2.37 37.61 7.64
CA ALA A 46 -2.50 36.31 6.94
C ALA A 46 -1.92 35.23 7.84
N ARG A 47 -2.47 34.02 7.77
CA ARG A 47 -2.01 32.90 8.63
C ARG A 47 -1.53 31.76 7.74
N THR A 48 -0.23 31.47 7.82
CA THR A 48 0.44 30.47 6.95
C THR A 48 0.62 29.18 7.75
N PHE A 49 0.22 28.06 7.15
CA PHE A 49 0.45 26.70 7.68
C PHE A 49 1.43 26.00 6.75
N VAL A 50 2.38 25.27 7.33
CA VAL A 50 3.45 24.56 6.58
C VAL A 50 3.39 23.07 6.95
N VAL A 51 3.75 22.21 5.99
CA VAL A 51 4.12 20.79 6.23
C VAL A 51 5.62 20.69 5.97
N CYS A 52 6.32 19.91 6.79
CA CYS A 52 7.79 19.72 6.75
C CYS A 52 8.10 18.25 6.45
N LYS A 53 9.27 17.98 5.84
CA LYS A 53 9.84 16.60 5.75
C LYS A 53 9.97 16.08 7.18
N LYS A 54 9.56 14.84 7.46
CA LYS A 54 9.44 14.37 8.87
C LYS A 54 10.82 14.43 9.53
N ASP A 55 10.88 14.76 10.82
CA ASP A 55 12.13 14.86 11.63
C ASP A 55 13.01 16.02 11.15
N THR A 56 12.45 16.98 10.42
CA THR A 56 13.11 18.24 9.99
C THR A 56 12.16 19.43 10.18
N LYS A 57 12.62 20.64 9.86
CA LYS A 57 11.81 21.89 9.84
C LYS A 57 11.93 22.53 8.45
N GLN A 58 12.22 21.71 7.43
CA GLN A 58 12.26 22.13 6.00
C GLN A 58 10.86 22.01 5.41
N VAL A 59 10.40 23.08 4.77
CA VAL A 59 8.97 23.23 4.32
C VAL A 59 8.82 22.52 2.98
N ALA A 60 7.95 21.51 2.93
CA ALA A 60 7.58 20.72 1.73
C ALA A 60 6.40 21.38 1.01
N GLY A 61 5.50 22.02 1.76
CA GLY A 61 4.32 22.71 1.22
C GLY A 61 3.70 23.64 2.25
N PHE A 62 2.87 24.59 1.79
CA PHE A 62 2.21 25.59 2.68
C PHE A 62 0.96 26.15 1.99
N TYR A 63 0.08 26.75 2.81
CA TYR A 63 -1.04 27.62 2.34
C TYR A 63 -1.21 28.77 3.33
N SER A 64 -1.83 29.85 2.86
CA SER A 64 -2.11 31.07 3.65
C SER A 64 -3.61 31.38 3.64
N LEU A 65 -4.22 31.48 4.82
CA LEU A 65 -5.61 31.98 4.99
C LEU A 65 -5.57 33.45 5.44
N ALA A 66 -6.48 34.26 4.92
CA ALA A 66 -6.63 35.69 5.27
C ALA A 66 -8.11 36.05 5.29
N THR A 67 -8.50 37.02 6.11
CA THR A 67 -9.90 37.53 6.17
C THR A 67 -10.05 38.60 5.10
N GLY A 68 -11.19 38.58 4.41
CA GLY A 68 -11.59 39.58 3.42
C GLY A 68 -13.08 39.85 3.57
N SER A 69 -13.59 40.76 2.76
CA SER A 69 -15.02 41.13 2.70
C SER A 69 -15.40 41.44 1.25
N VAL A 70 -16.65 41.15 0.89
CA VAL A 70 -17.24 41.50 -0.44
C VAL A 70 -18.23 42.64 -0.21
N ASN A 71 -18.06 43.71 -0.99
CA ASN A 71 -18.86 44.96 -0.95
C ASN A 71 -19.45 45.22 -2.34
N HIS A 72 -20.49 46.06 -2.39
CA HIS A 72 -21.20 46.45 -3.63
C HIS A 72 -20.90 47.93 -3.92
N THR A 73 -20.49 48.24 -5.16
CA THR A 73 -20.01 49.56 -5.65
C THR A 73 -21.10 50.63 -5.58
N PRO A 84 -25.85 48.00 1.70
CA PRO A 84 -25.56 46.63 2.13
C PRO A 84 -24.19 46.46 2.80
N ASP A 85 -24.16 46.19 4.11
CA ASP A 85 -22.93 45.98 4.91
C ASP A 85 -22.08 44.88 4.28
N PRO A 86 -20.74 44.92 4.44
CA PRO A 86 -19.85 43.96 3.76
C PRO A 86 -20.08 42.50 4.17
N ILE A 87 -19.86 41.56 3.26
CA ILE A 87 -20.02 40.11 3.52
C ILE A 87 -18.64 39.50 3.73
N PRO A 88 -18.33 39.00 4.96
CA PRO A 88 -17.01 38.44 5.23
C PRO A 88 -16.80 37.13 4.48
N VAL A 89 -15.57 36.89 4.05
CA VAL A 89 -15.12 35.68 3.34
C VAL A 89 -13.73 35.34 3.87
N ILE A 90 -13.31 34.10 3.73
CA ILE A 90 -11.88 33.70 3.90
C ILE A 90 -11.25 33.76 2.52
N ILE A 91 -10.05 34.33 2.44
CA ILE A 91 -9.20 34.28 1.22
C ILE A 91 -8.15 33.19 1.42
N LEU A 92 -8.26 32.10 0.66
CA LEU A 92 -7.13 31.17 0.41
C LEU A 92 -6.20 31.88 -0.57
N ALA A 93 -5.25 32.64 -0.02
CA ALA A 93 -4.37 33.58 -0.75
C ALA A 93 -3.32 32.80 -1.55
N ARG A 94 -2.86 31.67 -1.02
CA ARG A 94 -1.70 30.92 -1.56
C ARG A 94 -1.83 29.45 -1.17
N LEU A 95 -1.40 28.59 -2.09
CA LEU A 95 -1.14 27.16 -1.83
C LEU A 95 -0.03 26.71 -2.76
N ALA A 96 1.01 26.10 -2.21
CA ALA A 96 2.21 25.69 -2.97
C ALA A 96 2.79 24.41 -2.37
N VAL A 97 3.27 23.53 -3.24
CA VAL A 97 4.07 22.33 -2.87
C VAL A 97 5.46 22.50 -3.49
N ASP A 98 6.51 22.08 -2.80
CA ASP A 98 7.89 22.10 -3.33
C ASP A 98 7.96 21.12 -4.51
N LEU A 99 8.66 21.48 -5.59
CA LEU A 99 8.80 20.68 -6.84
C LEU A 99 9.24 19.24 -6.51
N SER A 100 10.05 19.04 -5.46
CA SER A 100 10.49 17.71 -4.99
C SER A 100 9.29 16.84 -4.58
N PHE A 101 8.13 17.45 -4.27
CA PHE A 101 6.93 16.76 -3.70
C PHE A 101 5.72 16.90 -4.65
N HIS A 102 5.86 17.56 -5.81
CA HIS A 102 4.78 17.75 -6.82
C HIS A 102 4.20 16.39 -7.24
N GLY A 103 2.90 16.35 -7.57
CA GLY A 103 2.20 15.16 -8.08
C GLY A 103 2.25 13.96 -7.14
N LYS A 104 2.44 14.16 -5.84
CA LYS A 104 2.48 13.07 -4.82
C LYS A 104 1.25 13.20 -3.91
N GLY A 105 0.24 13.96 -4.32
CA GLY A 105 -1.05 14.09 -3.62
C GLY A 105 -0.98 15.04 -2.43
N LEU A 106 0.11 15.78 -2.25
CA LEU A 106 0.30 16.71 -1.12
C LEU A 106 -0.54 17.98 -1.32
N GLY A 107 -0.65 18.47 -2.56
CA GLY A 107 -1.44 19.66 -2.92
C GLY A 107 -2.91 19.52 -2.53
N ALA A 108 -3.49 18.34 -2.76
CA ALA A 108 -4.89 18.02 -2.41
C ALA A 108 -5.01 17.82 -0.89
N ASP A 109 -3.97 17.27 -0.26
CA ASP A 109 -3.91 17.09 1.22
C ASP A 109 -3.92 18.47 1.90
N LEU A 110 -3.17 19.44 1.36
CA LEU A 110 -3.15 20.83 1.89
C LEU A 110 -4.52 21.48 1.66
N LEU A 111 -5.12 21.30 0.49
CA LEU A 111 -6.46 21.88 0.18
C LEU A 111 -7.51 21.29 1.14
N HIS A 112 -7.41 19.98 1.40
CA HIS A 112 -8.25 19.28 2.40
C HIS A 112 -8.17 20.00 3.74
N ASP A 113 -6.95 20.19 4.25
CA ASP A 113 -6.65 20.83 5.55
C ASP A 113 -7.21 22.25 5.55
N ALA A 114 -6.91 23.02 4.49
CA ALA A 114 -7.26 24.45 4.34
C ALA A 114 -8.78 24.60 4.43
N VAL A 115 -9.53 23.74 3.73
CA VAL A 115 -11.01 23.85 3.63
C VAL A 115 -11.63 23.46 4.97
N LEU A 116 -11.16 22.39 5.60
CA LEU A 116 -11.68 21.98 6.94
C LEU A 116 -11.45 23.13 7.92
N ARG A 117 -10.27 23.76 7.87
CA ARG A 117 -9.89 24.89 8.77
C ARG A 117 -10.88 26.04 8.56
N CYS A 118 -11.20 26.36 7.30
CA CYS A 118 -12.19 27.40 6.93
C CYS A 118 -13.61 27.03 7.41
N TYR A 119 -13.92 25.72 7.49
CA TYR A 119 -15.22 25.23 8.04
C TYR A 119 -15.30 25.58 9.53
N ARG A 120 -14.21 25.35 10.28
CA ARG A 120 -14.13 25.65 11.73
C ARG A 120 -14.21 27.17 11.95
N VAL A 121 -13.59 27.96 11.06
CA VAL A 121 -13.59 29.44 11.18
C VAL A 121 -15.03 29.92 10.96
N ALA A 122 -15.72 29.37 9.96
CA ALA A 122 -17.12 29.70 9.61
C ALA A 122 -18.04 29.44 10.82
N GLU A 123 -17.82 28.35 11.53
CA GLU A 123 -18.62 27.98 12.74
C GLU A 123 -18.47 29.04 13.85
N ASN A 124 -17.33 29.76 13.91
CA ASN A 124 -17.00 30.64 15.05
C ASN A 124 -17.18 32.12 14.70
N ILE A 125 -16.99 32.57 13.45
CA ILE A 125 -17.10 34.02 13.09
C ILE A 125 -18.04 34.25 11.89
N GLY A 126 -18.49 33.19 11.20
CA GLY A 126 -19.59 33.28 10.22
C GLY A 126 -19.17 33.79 8.85
N VAL A 127 -17.88 33.76 8.51
CA VAL A 127 -17.44 33.85 7.07
C VAL A 127 -18.32 32.92 6.22
N ARG A 128 -18.72 33.38 5.03
CA ARG A 128 -19.77 32.75 4.19
C ARG A 128 -19.18 31.89 3.08
N ALA A 129 -17.94 32.16 2.65
CA ALA A 129 -17.31 31.49 1.49
C ALA A 129 -15.77 31.60 1.56
N ILE A 130 -15.09 30.59 1.01
CA ILE A 130 -13.64 30.67 0.66
C ILE A 130 -13.53 31.31 -0.72
N MET A 131 -12.73 32.36 -0.85
CA MET A 131 -12.45 33.03 -2.15
C MET A 131 -11.01 32.69 -2.56
N VAL A 132 -10.80 32.44 -3.84
CA VAL A 132 -9.46 32.20 -4.44
C VAL A 132 -9.30 33.12 -5.64
N HIS A 133 -8.19 33.84 -5.72
CA HIS A 133 -7.72 34.57 -6.93
C HIS A 133 -6.52 33.80 -7.49
N ALA A 134 -6.76 32.94 -8.49
CA ALA A 134 -5.73 32.15 -9.19
C ALA A 134 -4.88 33.10 -10.05
N LEU A 135 -3.57 32.84 -10.12
CA LEU A 135 -2.60 33.69 -10.86
C LEU A 135 -2.50 33.20 -12.32
N THR A 136 -2.32 31.89 -12.51
CA THR A 136 -2.40 31.20 -13.82
C THR A 136 -3.80 30.59 -13.98
N GLU A 137 -4.16 30.22 -15.21
CA GLU A 137 -5.45 29.53 -15.49
C GLU A 137 -5.30 28.03 -15.20
N GLU A 138 -4.07 27.54 -15.06
CA GLU A 138 -3.78 26.14 -14.65
C GLU A 138 -4.04 25.97 -13.15
N ALA A 139 -3.78 27.03 -12.36
CA ALA A 139 -4.08 27.10 -10.91
C ALA A 139 -5.60 27.05 -10.70
N LYS A 140 -6.33 27.86 -11.48
CA LYS A 140 -7.81 27.88 -11.51
C LYS A 140 -8.36 26.44 -11.65
N ASN A 141 -7.82 25.64 -12.56
CA ASN A 141 -8.37 24.30 -12.89
C ASN A 141 -8.04 23.30 -11.77
N PHE A 142 -7.03 23.60 -10.94
CA PHE A 142 -6.70 22.77 -9.74
C PHE A 142 -7.87 22.84 -8.74
N PHE A 143 -8.43 24.04 -8.58
CA PHE A 143 -9.53 24.33 -7.63
C PHE A 143 -10.85 23.82 -8.20
N ILE A 144 -11.10 24.04 -9.49
CA ILE A 144 -12.32 23.52 -10.20
C ILE A 144 -12.35 22.01 -10.01
N HIS A 145 -11.21 21.33 -10.18
CA HIS A 145 -11.08 19.86 -10.10
C HIS A 145 -11.49 19.37 -8.70
N HIS A 146 -11.44 20.24 -7.69
CA HIS A 146 -11.69 19.89 -6.26
C HIS A 146 -12.97 20.55 -5.74
N GLY A 147 -13.82 21.04 -6.64
CA GLY A 147 -15.21 21.39 -6.31
C GLY A 147 -15.44 22.88 -6.14
N PHE A 148 -14.41 23.69 -6.34
CA PHE A 148 -14.56 25.18 -6.32
C PHE A 148 -15.34 25.58 -7.56
N LYS A 149 -16.14 26.63 -7.44
CA LYS A 149 -17.00 27.15 -8.53
C LYS A 149 -16.28 28.35 -9.15
N SER A 150 -16.14 28.37 -10.48
CA SER A 150 -15.42 29.45 -11.22
C SER A 150 -16.37 30.62 -11.49
N SER A 151 -16.08 31.80 -10.95
CA SER A 151 -16.78 33.06 -11.28
C SER A 151 -16.73 33.27 -12.79
N GLN A 152 -17.88 33.57 -13.39
CA GLN A 152 -18.03 33.85 -14.85
C GLN A 152 -18.15 35.37 -15.06
N THR A 153 -18.15 36.16 -13.98
CA THR A 153 -18.21 37.65 -14.00
C THR A 153 -16.81 38.23 -13.73
N GLN A 154 -15.88 37.42 -13.21
CA GLN A 154 -14.48 37.82 -12.96
C GLN A 154 -13.56 36.69 -13.42
N GLN A 155 -12.34 37.08 -13.83
CA GLN A 155 -11.31 36.17 -14.36
C GLN A 155 -10.57 35.51 -13.19
N ARG A 156 -10.43 34.18 -13.23
CA ARG A 156 -9.56 33.41 -12.30
C ARG A 156 -9.96 33.64 -10.84
N THR A 157 -11.22 34.01 -10.55
CA THR A 157 -11.76 34.07 -9.18
C THR A 157 -12.66 32.87 -8.97
N LEU A 158 -12.45 32.11 -7.89
CA LEU A 158 -13.28 30.94 -7.53
C LEU A 158 -13.83 31.10 -6.12
N PHE A 159 -14.93 30.40 -5.82
CA PHE A 159 -15.66 30.43 -4.53
C PHE A 159 -15.95 29.00 -4.08
N LEU A 160 -15.96 28.82 -2.77
CA LEU A 160 -16.56 27.63 -2.11
C LEU A 160 -17.43 28.12 -0.96
N ARG A 161 -18.74 27.86 -1.04
CA ARG A 161 -19.71 28.27 0.00
C ARG A 161 -19.37 27.51 1.28
N LEU A 162 -19.44 28.20 2.42
CA LEU A 162 -19.19 27.62 3.77
C LEU A 162 -20.52 27.45 4.48
N PRO A 163 -20.65 26.44 5.37
CA PRO A 163 -21.91 26.17 6.06
C PRO A 163 -22.49 27.35 6.87
N GLN A 164 -23.81 27.54 6.76
CA GLN A 164 -24.69 28.44 7.57
C GLN A 164 -24.92 29.77 6.86
N GLY B 5 -48.76 -4.65 -17.72
CA GLY B 5 -48.39 -3.75 -18.86
C GLY B 5 -48.04 -2.35 -18.39
N ARG B 6 -48.31 -1.34 -19.22
CA ARG B 6 -47.99 0.09 -18.97
C ARG B 6 -48.99 0.69 -17.96
N VAL B 7 -48.58 1.77 -17.27
CA VAL B 7 -49.36 2.43 -16.18
C VAL B 7 -49.41 3.93 -16.44
N THR B 8 -50.48 4.56 -15.98
CA THR B 8 -50.86 5.98 -16.22
C THR B 8 -50.11 6.85 -15.21
N ALA B 9 -49.92 8.13 -15.53
CA ALA B 9 -49.32 9.14 -14.63
C ALA B 9 -50.21 9.32 -13.41
N PRO B 10 -49.64 9.63 -12.22
CA PRO B 10 -50.44 9.85 -11.02
C PRO B 10 -51.49 10.94 -11.23
N GLU B 11 -52.68 10.71 -10.69
CA GLU B 11 -53.81 11.68 -10.73
C GLU B 11 -54.49 11.63 -9.37
N PRO B 12 -55.18 12.71 -8.96
CA PRO B 12 -55.90 12.72 -7.69
C PRO B 12 -57.03 11.69 -7.71
N LEU B 13 -57.20 10.95 -6.61
CA LEU B 13 -58.30 9.96 -6.43
C LEU B 13 -59.62 10.65 -6.76
N SER B 14 -60.42 10.06 -7.65
CA SER B 14 -61.78 10.52 -8.03
C SER B 14 -62.76 9.35 -7.92
N ALA B 15 -64.06 9.67 -7.93
CA ALA B 15 -65.18 8.71 -7.92
C ALA B 15 -65.11 7.74 -9.10
N PHE B 16 -64.43 8.10 -10.19
CA PHE B 16 -64.30 7.26 -11.42
C PHE B 16 -63.27 6.14 -11.23
N HIS B 17 -62.43 6.20 -10.21
CA HIS B 17 -61.34 5.21 -10.00
C HIS B 17 -61.93 3.97 -9.35
N GLN B 18 -61.59 2.78 -9.87
CA GLN B 18 -62.06 1.48 -9.35
C GLN B 18 -61.02 0.99 -8.34
N VAL B 19 -61.42 0.88 -7.07
CA VAL B 19 -60.51 0.60 -5.92
C VAL B 19 -60.98 -0.64 -5.17
N ALA B 20 -62.10 -1.25 -5.60
CA ALA B 20 -62.77 -2.38 -4.89
C ALA B 20 -61.86 -3.61 -4.89
N GLU B 21 -61.16 -3.86 -6.00
CA GLU B 21 -60.28 -5.04 -6.23
C GLU B 21 -58.81 -4.74 -5.91
N PHE B 22 -58.52 -3.71 -5.10
CA PHE B 22 -57.12 -3.30 -4.80
C PHE B 22 -56.61 -4.11 -3.61
N VAL B 23 -55.51 -4.84 -3.80
CA VAL B 23 -54.84 -5.66 -2.74
C VAL B 23 -53.34 -5.35 -2.77
N SER B 24 -52.81 -4.84 -1.66
CA SER B 24 -51.38 -4.43 -1.51
C SER B 24 -50.61 -5.50 -0.74
N GLY B 25 -51.26 -6.20 0.19
CA GLY B 25 -50.62 -7.11 1.16
C GLY B 25 -50.81 -6.59 2.57
N GLU B 26 -50.96 -5.27 2.72
CA GLU B 26 -51.33 -4.61 4.00
C GLU B 26 -52.82 -4.22 3.91
N ALA B 27 -53.63 -4.88 4.73
CA ALA B 27 -55.11 -4.79 4.75
C ALA B 27 -55.55 -3.40 5.23
N VAL B 28 -54.82 -2.79 6.16
CA VAL B 28 -55.19 -1.48 6.79
C VAL B 28 -55.20 -0.41 5.69
N LEU B 29 -54.19 -0.44 4.80
CA LEU B 29 -54.05 0.52 3.67
C LEU B 29 -55.18 0.28 2.65
N ASP B 30 -55.38 -0.99 2.27
CA ASP B 30 -56.40 -1.40 1.26
C ASP B 30 -57.79 -1.01 1.75
N ASP B 31 -58.06 -1.18 3.05
CA ASP B 31 -59.38 -0.86 3.67
C ASP B 31 -59.58 0.66 3.67
N TRP B 32 -58.55 1.42 4.06
CA TRP B 32 -58.61 2.90 4.08
C TRP B 32 -58.98 3.40 2.68
N LEU B 33 -58.30 2.90 1.65
CA LEU B 33 -58.52 3.35 0.26
C LEU B 33 -60.00 3.16 -0.11
N LYS B 34 -60.54 1.96 0.13
CA LYS B 34 -61.90 1.53 -0.31
C LYS B 34 -62.98 2.25 0.50
N GLN B 35 -62.72 2.57 1.77
CA GLN B 35 -63.76 2.99 2.74
C GLN B 35 -63.61 4.45 3.16
N LYS B 36 -62.43 5.07 3.01
CA LYS B 36 -62.18 6.45 3.51
C LYS B 36 -61.57 7.36 2.43
N GLY B 37 -61.00 6.80 1.37
CA GLY B 37 -60.22 7.54 0.36
C GLY B 37 -60.98 8.77 -0.15
N LEU B 38 -62.13 8.56 -0.77
CA LEU B 38 -62.94 9.63 -1.42
C LEU B 38 -63.43 10.64 -0.38
N LYS B 39 -63.90 10.15 0.77
CA LYS B 39 -64.51 11.03 1.82
C LYS B 39 -63.44 12.03 2.27
N ASN B 40 -62.24 11.53 2.57
CA ASN B 40 -61.10 12.36 3.04
C ASN B 40 -60.63 13.27 1.91
N GLN B 41 -60.67 12.79 0.67
CA GLN B 41 -60.33 13.60 -0.53
C GLN B 41 -61.22 14.85 -0.54
N ALA B 42 -62.54 14.68 -0.34
CA ALA B 42 -63.55 15.74 -0.38
C ALA B 42 -63.43 16.66 0.83
N LEU B 43 -63.22 16.09 2.03
CA LEU B 43 -63.01 16.86 3.29
C LEU B 43 -61.66 17.59 3.25
N GLY B 44 -60.71 17.10 2.47
CA GLY B 44 -59.34 17.65 2.42
C GLY B 44 -58.50 17.20 3.59
N ALA B 45 -58.91 16.15 4.32
CA ALA B 45 -58.14 15.58 5.46
C ALA B 45 -56.80 14.98 5.02
N ALA B 46 -56.84 14.14 3.98
CA ALA B 46 -55.65 13.57 3.30
C ALA B 46 -55.88 13.63 1.79
N ARG B 47 -54.83 13.76 1.01
CA ARG B 47 -54.98 13.89 -0.46
C ARG B 47 -54.26 12.74 -1.18
N THR B 48 -55.04 11.92 -1.89
CA THR B 48 -54.62 10.62 -2.43
C THR B 48 -54.37 10.77 -3.92
N PHE B 49 -53.21 10.30 -4.38
CA PHE B 49 -52.85 10.20 -5.81
C PHE B 49 -52.80 8.72 -6.18
N VAL B 50 -53.33 8.37 -7.35
CA VAL B 50 -53.42 6.96 -7.84
C VAL B 50 -52.72 6.89 -9.20
N VAL B 51 -52.12 5.74 -9.49
CA VAL B 51 -51.75 5.31 -10.88
C VAL B 51 -52.69 4.16 -11.24
N CYS B 52 -53.13 4.12 -12.50
CA CYS B 52 -54.06 3.10 -13.05
C CYS B 52 -53.38 2.31 -14.17
N LYS B 53 -53.85 1.09 -14.45
CA LYS B 53 -53.46 0.36 -15.70
C LYS B 53 -53.84 1.24 -16.89
N LYS B 54 -52.98 1.37 -17.91
CA LYS B 54 -53.23 2.30 -19.05
C LYS B 54 -54.57 1.94 -19.70
N ASP B 55 -55.30 2.97 -20.17
CA ASP B 55 -56.63 2.85 -20.86
C ASP B 55 -57.69 2.32 -19.88
N THR B 56 -57.47 2.44 -18.57
CA THR B 56 -58.33 1.87 -17.49
C THR B 56 -58.40 2.89 -16.35
N LYS B 57 -59.28 2.63 -15.38
CA LYS B 57 -59.43 3.41 -14.13
C LYS B 57 -59.31 2.46 -12.93
N GLN B 58 -58.63 1.33 -13.12
CA GLN B 58 -58.31 0.40 -11.99
C GLN B 58 -56.99 0.83 -11.36
N VAL B 59 -56.96 0.97 -10.04
CA VAL B 59 -55.82 1.55 -9.29
C VAL B 59 -54.76 0.47 -9.10
N ALA B 60 -53.56 0.70 -9.63
CA ALA B 60 -52.37 -0.18 -9.54
C ALA B 60 -51.55 0.20 -8.30
N GLY B 61 -51.55 1.48 -7.92
CA GLY B 61 -50.84 1.99 -6.74
C GLY B 61 -51.32 3.37 -6.35
N PHE B 62 -51.05 3.78 -5.11
CA PHE B 62 -51.47 5.10 -4.59
C PHE B 62 -50.58 5.51 -3.40
N TYR B 63 -50.61 6.81 -3.09
CA TYR B 63 -50.08 7.39 -1.83
C TYR B 63 -51.02 8.53 -1.38
N SER B 64 -50.98 8.84 -0.09
CA SER B 64 -51.76 9.91 0.56
C SER B 64 -50.82 10.89 1.25
N LEU B 65 -50.92 12.18 0.90
CA LEU B 65 -50.25 13.29 1.62
C LEU B 65 -51.26 13.97 2.55
N ALA B 66 -50.83 14.32 3.76
CA ALA B 66 -51.64 15.05 4.76
C ALA B 66 -50.76 16.08 5.47
N THR B 67 -51.34 17.19 5.91
CA THR B 67 -50.60 18.22 6.70
C THR B 67 -50.68 17.82 8.17
N GLY B 68 -49.55 17.94 8.88
CA GLY B 68 -49.42 17.68 10.31
C GLY B 68 -48.50 18.70 10.94
N SER B 69 -48.25 18.58 12.24
CA SER B 69 -47.42 19.52 13.02
C SER B 69 -46.65 18.75 14.08
N VAL B 70 -45.45 19.22 14.42
CA VAL B 70 -44.63 18.71 15.56
C VAL B 70 -44.68 19.76 16.68
N ASN B 71 -45.06 19.32 17.88
CA ASN B 71 -45.48 20.20 19.00
C ASN B 71 -44.69 19.84 20.27
N HIS B 72 -44.48 20.82 21.14
CA HIS B 72 -44.17 20.64 22.59
C HIS B 72 -45.24 21.43 23.36
N THR B 73 -45.87 20.85 24.39
CA THR B 73 -46.74 21.60 25.35
C THR B 73 -45.82 22.20 26.40
N MET B 83 -42.32 27.67 25.73
CA MET B 83 -43.73 27.19 25.81
C MET B 83 -44.33 27.03 24.42
N PRO B 84 -44.28 28.06 23.52
CA PRO B 84 -44.90 27.97 22.19
C PRO B 84 -43.99 27.49 21.05
N ASP B 85 -44.20 26.27 20.53
CA ASP B 85 -43.20 25.51 19.71
C ASP B 85 -43.80 24.83 18.47
N PRO B 86 -44.75 25.43 17.73
CA PRO B 86 -45.36 24.78 16.57
C PRO B 86 -44.37 24.49 15.42
N ILE B 87 -44.59 23.42 14.63
CA ILE B 87 -43.84 23.24 13.34
C ILE B 87 -44.52 22.31 12.32
N PRO B 88 -45.03 22.87 11.20
CA PRO B 88 -45.71 22.08 10.17
C PRO B 88 -44.77 21.12 9.43
N VAL B 89 -45.32 19.96 9.09
CA VAL B 89 -44.65 18.87 8.30
C VAL B 89 -45.70 18.28 7.36
N ILE B 90 -45.27 17.60 6.30
CA ILE B 90 -46.17 16.77 5.45
C ILE B 90 -46.08 15.34 6.00
N ILE B 91 -47.22 14.69 6.13
CA ILE B 91 -47.29 13.25 6.48
C ILE B 91 -47.56 12.47 5.20
N LEU B 92 -46.60 11.67 4.76
CA LEU B 92 -46.83 10.54 3.82
C LEU B 92 -47.54 9.45 4.63
N ALA B 93 -48.87 9.50 4.68
CA ALA B 93 -49.74 8.69 5.53
C ALA B 93 -49.78 7.24 5.02
N ARG B 94 -49.72 7.06 3.71
CA ARG B 94 -49.93 5.76 3.03
C ARG B 94 -49.14 5.73 1.72
N LEU B 95 -48.60 4.57 1.39
CA LEU B 95 -48.05 4.25 0.05
C LEU B 95 -48.18 2.75 -0.16
N ALA B 96 -48.81 2.34 -1.26
CA ALA B 96 -49.18 0.94 -1.53
C ALA B 96 -49.13 0.69 -3.04
N VAL B 97 -48.67 -0.49 -3.44
CA VAL B 97 -48.76 -1.01 -4.83
C VAL B 97 -49.60 -2.29 -4.78
N ASP B 98 -50.45 -2.49 -5.78
CA ASP B 98 -51.26 -3.73 -5.91
C ASP B 98 -50.30 -4.89 -6.16
N LEU B 99 -50.55 -6.05 -5.54
CA LEU B 99 -49.66 -7.24 -5.62
C LEU B 99 -49.43 -7.63 -7.10
N SER B 100 -50.39 -7.38 -7.99
CA SER B 100 -50.26 -7.61 -9.46
C SER B 100 -49.12 -6.77 -10.05
N PHE B 101 -48.68 -5.69 -9.38
CA PHE B 101 -47.67 -4.74 -9.89
C PHE B 101 -46.39 -4.70 -9.03
N HIS B 102 -46.27 -5.58 -8.04
CA HIS B 102 -45.01 -5.81 -7.27
C HIS B 102 -43.81 -6.05 -8.20
N GLY B 103 -42.63 -5.62 -7.78
CA GLY B 103 -41.34 -5.84 -8.47
C GLY B 103 -41.30 -5.27 -9.89
N LYS B 104 -42.12 -4.25 -10.20
CA LYS B 104 -42.07 -3.52 -11.49
C LYS B 104 -41.48 -2.11 -11.28
N GLY B 105 -40.93 -1.84 -10.09
CA GLY B 105 -40.32 -0.55 -9.71
C GLY B 105 -41.35 0.56 -9.47
N LEU B 106 -42.62 0.19 -9.27
CA LEU B 106 -43.74 1.16 -9.17
C LEU B 106 -43.72 1.84 -7.80
N GLY B 107 -43.38 1.10 -6.74
CA GLY B 107 -43.30 1.62 -5.36
C GLY B 107 -42.33 2.78 -5.25
N ALA B 108 -41.17 2.67 -5.91
CA ALA B 108 -40.11 3.71 -5.94
C ALA B 108 -40.55 4.86 -6.85
N ASP B 109 -41.28 4.55 -7.93
CA ASP B 109 -41.85 5.57 -8.85
C ASP B 109 -42.87 6.43 -8.10
N LEU B 110 -43.71 5.84 -7.26
CA LEU B 110 -44.69 6.58 -6.42
C LEU B 110 -43.95 7.41 -5.38
N LEU B 111 -42.92 6.86 -4.74
CA LEU B 111 -42.13 7.60 -3.72
C LEU B 111 -41.43 8.79 -4.39
N HIS B 112 -40.91 8.59 -5.60
CA HIS B 112 -40.32 9.65 -6.46
C HIS B 112 -41.34 10.79 -6.59
N ASP B 113 -42.54 10.48 -7.06
CA ASP B 113 -43.64 11.44 -7.31
C ASP B 113 -44.00 12.15 -6.01
N ALA B 114 -44.20 11.39 -4.93
CA ALA B 114 -44.62 11.87 -3.60
C ALA B 114 -43.63 12.91 -3.09
N VAL B 115 -42.33 12.61 -3.20
CA VAL B 115 -41.25 13.48 -2.62
C VAL B 115 -41.13 14.74 -3.47
N LEU B 116 -41.17 14.63 -4.80
CA LEU B 116 -41.13 15.83 -5.70
C LEU B 116 -42.31 16.73 -5.35
N ARG B 117 -43.49 16.14 -5.15
CA ARG B 117 -44.75 16.87 -4.84
C ARG B 117 -44.54 17.63 -3.52
N CYS B 118 -43.96 17.00 -2.51
CA CYS B 118 -43.64 17.61 -1.19
C CYS B 118 -42.59 18.71 -1.35
N TYR B 119 -41.69 18.62 -2.33
CA TYR B 119 -40.70 19.68 -2.63
C TYR B 119 -41.45 20.93 -3.12
N ARG B 120 -42.41 20.75 -4.02
CA ARG B 120 -43.23 21.87 -4.58
C ARG B 120 -44.10 22.47 -3.48
N VAL B 121 -44.62 21.66 -2.57
CA VAL B 121 -45.46 22.13 -1.44
C VAL B 121 -44.58 22.98 -0.52
N ALA B 122 -43.37 22.51 -0.23
CA ALA B 122 -42.38 23.22 0.63
C ALA B 122 -42.08 24.62 0.03
N GLU B 123 -41.94 24.72 -1.29
CA GLU B 123 -41.66 25.99 -1.99
C GLU B 123 -42.81 26.99 -1.79
N ASN B 124 -44.05 26.52 -1.59
CA ASN B 124 -45.26 27.39 -1.58
C ASN B 124 -45.79 27.64 -0.15
N ILE B 125 -45.62 26.73 0.82
CA ILE B 125 -46.15 26.93 2.21
C ILE B 125 -45.08 26.71 3.29
N GLY B 126 -43.90 26.18 2.94
CA GLY B 126 -42.74 26.12 3.84
C GLY B 126 -42.78 24.98 4.85
N VAL B 127 -43.59 23.95 4.65
CA VAL B 127 -43.45 22.65 5.39
C VAL B 127 -41.97 22.25 5.39
N ARG B 128 -41.49 21.73 6.53
CA ARG B 128 -40.02 21.55 6.80
C ARG B 128 -39.55 20.12 6.51
N ALA B 129 -40.43 19.12 6.57
CA ALA B 129 -40.04 17.69 6.48
C ALA B 129 -41.23 16.82 6.08
N ILE B 130 -40.95 15.73 5.38
CA ILE B 130 -41.88 14.58 5.20
C ILE B 130 -41.73 13.66 6.42
N MET B 131 -42.84 13.33 7.07
CA MET B 131 -42.86 12.32 8.17
C MET B 131 -43.52 11.03 7.66
N VAL B 132 -42.98 9.87 8.03
CA VAL B 132 -43.54 8.54 7.64
C VAL B 132 -43.63 7.67 8.89
N HIS B 133 -44.79 7.03 9.10
CA HIS B 133 -45.05 6.08 10.21
C HIS B 133 -45.18 4.67 9.60
N ALA B 134 -44.09 3.92 9.55
CA ALA B 134 -43.98 2.59 8.90
C ALA B 134 -44.72 1.54 9.72
N LEU B 135 -45.49 0.65 9.09
CA LEU B 135 -46.35 -0.33 9.82
C LEU B 135 -45.58 -1.63 9.99
N THR B 136 -45.06 -2.16 8.89
CA THR B 136 -44.18 -3.36 8.79
C THR B 136 -42.72 -2.88 8.79
N GLU B 137 -41.76 -3.71 9.24
CA GLU B 137 -40.35 -3.22 9.34
C GLU B 137 -39.64 -3.46 8.00
N GLU B 138 -40.26 -4.20 7.08
CA GLU B 138 -39.78 -4.35 5.67
C GLU B 138 -40.07 -3.04 4.91
N ALA B 139 -41.20 -2.40 5.23
CA ALA B 139 -41.61 -1.07 4.69
C ALA B 139 -40.63 0.00 5.18
N LYS B 140 -40.29 0.01 6.47
CA LYS B 140 -39.25 0.91 7.07
C LYS B 140 -37.98 0.90 6.21
N ASN B 141 -37.49 -0.28 5.84
CA ASN B 141 -36.17 -0.42 5.16
C ASN B 141 -36.30 0.03 3.69
N PHE B 142 -37.50 0.06 3.15
CA PHE B 142 -37.80 0.57 1.78
C PHE B 142 -37.52 2.07 1.74
N PHE B 143 -37.90 2.79 2.80
CA PHE B 143 -37.73 4.26 2.93
C PHE B 143 -36.26 4.57 3.25
N ILE B 144 -35.64 3.83 4.17
CA ILE B 144 -34.20 3.98 4.49
C ILE B 144 -33.39 3.83 3.20
N HIS B 145 -33.72 2.85 2.36
CA HIS B 145 -33.01 2.54 1.09
C HIS B 145 -33.10 3.74 0.14
N HIS B 146 -34.08 4.62 0.31
CA HIS B 146 -34.35 5.77 -0.60
C HIS B 146 -34.07 7.11 0.11
N GLY B 147 -33.33 7.08 1.21
CA GLY B 147 -32.70 8.28 1.79
C GLY B 147 -33.39 8.79 3.03
N PHE B 148 -34.50 8.19 3.44
CA PHE B 148 -35.23 8.57 4.67
C PHE B 148 -34.37 8.19 5.88
N LYS B 149 -34.43 9.01 6.92
CA LYS B 149 -33.64 8.83 8.17
C LYS B 149 -34.54 8.21 9.22
N SER B 150 -34.10 7.14 9.87
CA SER B 150 -34.86 6.41 10.92
C SER B 150 -34.70 7.09 12.29
N SER B 151 -35.79 7.60 12.87
CA SER B 151 -35.86 8.09 14.27
C SER B 151 -35.38 6.98 15.22
N GLN B 152 -34.53 7.31 16.19
CA GLN B 152 -34.06 6.39 17.25
C GLN B 152 -34.81 6.60 18.56
N THR B 153 -35.71 7.58 18.64
CA THR B 153 -36.51 7.87 19.88
C THR B 153 -37.94 7.33 19.74
N GLN B 154 -38.37 7.06 18.51
CA GLN B 154 -39.66 6.38 18.22
C GLN B 154 -39.40 5.27 17.21
N GLN B 155 -40.07 4.13 17.38
CA GLN B 155 -39.91 2.95 16.50
C GLN B 155 -40.72 3.19 15.22
N ARG B 156 -40.13 2.86 14.07
CA ARG B 156 -40.81 2.89 12.74
C ARG B 156 -41.30 4.30 12.40
N THR B 157 -40.59 5.34 12.84
CA THR B 157 -40.85 6.75 12.40
C THR B 157 -39.67 7.24 11.58
N LEU B 158 -39.89 7.74 10.36
CA LEU B 158 -38.80 8.23 9.48
C LEU B 158 -39.08 9.67 9.03
N PHE B 159 -38.02 10.39 8.66
CA PHE B 159 -38.07 11.81 8.26
C PHE B 159 -37.28 12.01 6.98
N LEU B 160 -37.74 12.96 6.15
CA LEU B 160 -36.92 13.54 5.07
C LEU B 160 -37.07 15.07 5.17
N ARG B 161 -35.97 15.76 5.42
CA ARG B 161 -35.89 17.24 5.47
C ARG B 161 -36.25 17.77 4.08
N LEU B 162 -37.04 18.84 4.05
CA LEU B 162 -37.45 19.53 2.79
C LEU B 162 -36.68 20.84 2.71
N PRO B 163 -36.35 21.35 1.51
CA PRO B 163 -35.63 22.62 1.37
C PRO B 163 -36.34 23.82 1.99
N GLN B 164 -35.58 24.66 2.73
CA GLN B 164 -35.97 25.95 3.37
C GLN B 164 -36.85 25.81 4.63
N GLY C 5 23.07 3.30 5.34
CA GLY C 5 23.90 2.10 5.62
C GLY C 5 23.07 0.91 6.09
N ARG C 6 23.66 -0.28 6.03
CA ARG C 6 23.02 -1.59 6.38
C ARG C 6 23.08 -1.78 7.90
N VAL C 7 22.47 -2.84 8.41
CA VAL C 7 22.33 -3.15 9.88
C VAL C 7 22.61 -4.64 10.09
N THR C 8 23.09 -5.01 11.28
CA THR C 8 23.28 -6.43 11.70
C THR C 8 21.95 -6.96 12.25
N ALA C 9 21.77 -8.28 12.22
CA ALA C 9 20.62 -9.01 12.81
C ALA C 9 20.53 -8.76 14.31
N PRO C 10 19.32 -8.75 14.89
CA PRO C 10 19.16 -8.50 16.33
C PRO C 10 19.99 -9.49 17.17
N GLU C 11 20.61 -8.99 18.23
CA GLU C 11 21.39 -9.78 19.19
C GLU C 11 21.10 -9.26 20.59
N PRO C 12 21.26 -10.11 21.63
CA PRO C 12 21.00 -9.68 23.00
C PRO C 12 21.98 -8.57 23.40
N LEU C 13 21.50 -7.52 24.08
CA LEU C 13 22.34 -6.42 24.60
C LEU C 13 23.48 -7.01 25.42
N SER C 14 24.71 -6.61 25.11
CA SER C 14 25.94 -6.97 25.87
C SER C 14 26.73 -5.70 26.20
N ALA C 15 27.70 -5.83 27.11
CA ALA C 15 28.62 -4.75 27.55
C ALA C 15 29.45 -4.25 26.36
N PHE C 16 29.63 -5.05 25.30
CA PHE C 16 30.41 -4.68 24.09
C PHE C 16 29.64 -3.75 23.15
N HIS C 17 28.34 -3.57 23.35
CA HIS C 17 27.51 -2.67 22.49
C HIS C 17 27.74 -1.23 22.94
N GLN C 18 27.97 -0.33 21.98
CA GLN C 18 28.21 1.11 22.23
C GLN C 18 26.86 1.82 22.17
N VAL C 19 26.44 2.39 23.30
CA VAL C 19 25.05 2.82 23.59
C VAL C 19 25.04 4.33 23.92
N ALA C 20 26.22 4.94 24.08
CA ALA C 20 26.39 6.26 24.75
C ALA C 20 25.77 7.35 23.88
N GLU C 21 25.95 7.26 22.55
CA GLU C 21 25.47 8.30 21.58
C GLU C 21 24.18 7.85 20.91
N PHE C 22 23.36 7.03 21.57
CA PHE C 22 22.03 6.58 21.05
C PHE C 22 20.99 7.66 21.37
N VAL C 23 20.32 8.17 20.33
CA VAL C 23 19.25 9.19 20.43
C VAL C 23 18.06 8.73 19.57
N SER C 24 16.90 8.52 20.19
CA SER C 24 15.66 8.04 19.53
C SER C 24 14.70 9.20 19.26
N GLY C 25 14.72 10.22 20.12
CA GLY C 25 13.72 11.30 20.12
C GLY C 25 12.94 11.29 21.42
N GLU C 26 12.81 10.11 22.03
CA GLU C 26 12.24 9.92 23.38
C GLU C 26 13.39 9.67 24.35
N ALA C 27 13.67 10.64 25.24
CA ALA C 27 14.86 10.66 26.12
C ALA C 27 14.74 9.59 27.21
N VAL C 28 13.52 9.30 27.66
CA VAL C 28 13.24 8.30 28.74
C VAL C 28 13.70 6.91 28.27
N LEU C 29 13.45 6.56 27.00
CA LEU C 29 13.85 5.27 26.39
C LEU C 29 15.37 5.22 26.24
N ASP C 30 15.97 6.29 25.72
CA ASP C 30 17.45 6.42 25.51
C ASP C 30 18.17 6.30 26.85
N ASP C 31 17.63 6.91 27.91
CA ASP C 31 18.22 6.88 29.28
C ASP C 31 18.11 5.47 29.86
N TRP C 32 16.95 4.81 29.71
CA TRP C 32 16.75 3.41 30.18
C TRP C 32 17.83 2.52 29.56
N LEU C 33 18.02 2.62 28.25
CA LEU C 33 18.99 1.77 27.50
C LEU C 33 20.38 1.94 28.13
N LYS C 34 20.83 3.19 28.31
CA LYS C 34 22.22 3.54 28.71
C LYS C 34 22.46 3.18 30.18
N GLN C 35 21.41 3.28 31.02
CA GLN C 35 21.56 3.27 32.51
C GLN C 35 20.95 2.01 33.14
N LYS C 36 20.04 1.30 32.45
CA LYS C 36 19.31 0.15 33.06
C LYS C 36 19.36 -1.10 32.17
N GLY C 37 19.71 -0.95 30.88
CA GLY C 37 19.70 -2.05 29.90
C GLY C 37 20.43 -3.27 30.40
N LEU C 38 21.73 -3.13 30.68
CA LEU C 38 22.64 -4.25 31.06
C LEU C 38 22.22 -4.82 32.42
N LYS C 39 21.88 -3.94 33.36
CA LYS C 39 21.54 -4.36 34.75
C LYS C 39 20.34 -5.29 34.69
N ASN C 40 19.29 -4.89 33.95
CA ASN C 40 18.03 -5.65 33.81
C ASN C 40 18.29 -6.91 32.99
N GLN C 41 19.20 -6.86 32.02
CA GLN C 41 19.63 -8.06 31.25
C GLN C 41 20.12 -9.13 32.24
N ALA C 42 20.98 -8.74 33.17
CA ALA C 42 21.62 -9.65 34.17
C ALA C 42 20.59 -10.10 35.23
N LEU C 43 19.74 -9.18 35.70
CA LEU C 43 18.64 -9.48 36.66
C LEU C 43 17.56 -10.34 36.00
N GLY C 44 17.44 -10.27 34.67
CA GLY C 44 16.37 -10.94 33.90
C GLY C 44 15.04 -10.21 34.02
N ALA C 45 15.04 -8.96 34.49
CA ALA C 45 13.81 -8.12 34.61
C ALA C 45 13.32 -7.72 33.22
N ALA C 46 14.22 -7.71 32.24
CA ALA C 46 13.89 -7.45 30.82
C ALA C 46 14.95 -8.14 29.96
N ARG C 47 14.59 -8.53 28.74
CA ARG C 47 15.56 -9.03 27.75
C ARG C 47 15.57 -8.08 26.55
N THR C 48 16.70 -7.41 26.35
CA THR C 48 16.87 -6.33 25.35
C THR C 48 17.62 -6.91 24.16
N PHE C 49 17.08 -6.70 22.96
CA PHE C 49 17.73 -7.06 21.68
C PHE C 49 18.08 -5.76 20.96
N VAL C 50 19.28 -5.71 20.37
CA VAL C 50 19.80 -4.51 19.65
C VAL C 50 20.11 -4.92 18.21
N VAL C 51 19.97 -3.97 17.29
CA VAL C 51 20.61 -4.02 15.93
C VAL C 51 21.70 -2.95 15.93
N CYS C 52 22.82 -3.23 15.27
CA CYS C 52 23.97 -2.31 15.14
C CYS C 52 24.17 -1.88 13.68
N LYS C 53 24.77 -0.71 13.47
CA LYS C 53 25.32 -0.27 12.16
C LYS C 53 26.28 -1.36 11.69
N LYS C 54 26.22 -1.77 10.42
CA LYS C 54 26.98 -2.96 9.93
C LYS C 54 28.47 -2.74 10.18
N ASP C 55 29.19 -3.81 10.53
CA ASP C 55 30.66 -3.83 10.79
C ASP C 55 31.00 -3.01 12.04
N THR C 56 30.03 -2.77 12.92
CA THR C 56 30.15 -1.89 14.12
C THR C 56 29.45 -2.54 15.32
N LYS C 57 29.57 -1.92 16.49
CA LYS C 57 28.86 -2.30 17.72
C LYS C 57 28.09 -1.08 18.25
N GLN C 58 27.78 -0.12 17.38
CA GLN C 58 26.91 1.03 17.75
C GLN C 58 25.46 0.64 17.52
N VAL C 59 24.60 0.88 18.51
CA VAL C 59 23.18 0.44 18.52
C VAL C 59 22.37 1.42 17.67
N ALA C 60 21.75 0.89 16.60
CA ALA C 60 20.88 1.62 15.64
C ALA C 60 19.43 1.57 16.14
N GLY C 61 19.04 0.48 16.80
CA GLY C 61 17.69 0.28 17.36
C GLY C 61 17.67 -0.87 18.36
N PHE C 62 16.64 -0.93 19.19
CA PHE C 62 16.48 -1.97 20.22
C PHE C 62 15.01 -2.12 20.63
N TYR C 63 14.69 -3.26 21.23
CA TYR C 63 13.42 -3.50 21.96
C TYR C 63 13.71 -4.36 23.20
N SER C 64 12.81 -4.29 24.18
CA SER C 64 12.89 -5.07 25.45
C SER C 64 11.62 -5.90 25.62
N LEU C 65 11.76 -7.22 25.80
CA LEU C 65 10.67 -8.14 26.23
C LEU C 65 10.79 -8.40 27.73
N ALA C 66 9.66 -8.45 28.43
CA ALA C 66 9.55 -8.74 29.86
C ALA C 66 8.33 -9.61 30.12
N THR C 67 8.36 -10.44 31.16
CA THR C 67 7.20 -11.24 31.60
C THR C 67 6.35 -10.37 32.55
N GLY C 68 5.04 -10.44 32.39
CA GLY C 68 4.06 -9.77 33.26
C GLY C 68 2.82 -10.64 33.41
N SER C 69 1.81 -10.15 34.13
CA SER C 69 0.55 -10.88 34.40
C SER C 69 -0.61 -9.88 34.42
N VAL C 70 -1.79 -10.32 33.97
CA VAL C 70 -3.05 -9.54 34.03
C VAL C 70 -3.96 -10.24 35.04
N ASN C 71 -4.54 -9.52 36.00
CA ASN C 71 -5.54 -10.10 36.95
C ASN C 71 -6.74 -9.18 37.06
N HIS C 72 -7.83 -9.68 37.63
CA HIS C 72 -9.10 -8.98 37.97
C HIS C 72 -8.96 -8.28 39.33
N THR C 73 -9.42 -7.03 39.43
CA THR C 73 -9.20 -6.04 40.53
C THR C 73 -8.47 -6.63 41.74
N PRO C 84 -6.53 -17.01 43.26
CA PRO C 84 -6.09 -16.10 42.20
C PRO C 84 -5.35 -16.79 41.05
N ASP C 85 -5.98 -16.86 39.86
CA ASP C 85 -5.36 -17.32 38.60
C ASP C 85 -4.93 -16.11 37.77
N PRO C 86 -3.67 -15.61 37.89
CA PRO C 86 -3.16 -14.57 36.99
C PRO C 86 -3.09 -15.04 35.53
N ILE C 87 -3.22 -14.15 34.54
CA ILE C 87 -2.94 -14.55 33.12
C ILE C 87 -1.60 -13.98 32.71
N PRO C 88 -0.59 -14.84 32.44
CA PRO C 88 0.72 -14.36 32.02
C PRO C 88 0.66 -13.75 30.60
N VAL C 89 1.45 -12.70 30.40
CA VAL C 89 1.55 -11.94 29.13
C VAL C 89 3.03 -11.60 28.96
N ILE C 90 3.44 -11.35 27.72
CA ILE C 90 4.75 -10.71 27.41
C ILE C 90 4.49 -9.21 27.33
N ILE C 91 5.38 -8.44 27.96
CA ILE C 91 5.38 -6.95 27.86
C ILE C 91 6.47 -6.58 26.86
N LEU C 92 6.08 -6.04 25.70
CA LEU C 92 6.98 -5.24 24.84
C LEU C 92 7.13 -3.88 25.52
N ALA C 93 8.12 -3.77 26.41
CA ALA C 93 8.34 -2.64 27.35
C ALA C 93 8.83 -1.41 26.58
N ARG C 94 9.63 -1.64 25.55
CA ARG C 94 10.37 -0.56 24.83
C ARG C 94 10.62 -1.00 23.39
N LEU C 95 10.54 -0.02 22.49
CA LEU C 95 11.05 -0.15 21.10
C LEU C 95 11.46 1.24 20.63
N ALA C 96 12.69 1.36 20.14
CA ALA C 96 13.29 2.67 19.76
C ALA C 96 14.25 2.45 18.60
N VAL C 97 14.27 3.41 17.66
CA VAL C 97 15.27 3.50 16.56
C VAL C 97 16.05 4.80 16.75
N ASP C 98 17.35 4.80 16.50
CA ASP C 98 18.19 6.02 16.53
C ASP C 98 17.72 6.95 15.40
N LEU C 99 17.65 8.26 15.66
CA LEU C 99 17.16 9.29 14.71
C LEU C 99 17.92 9.19 13.38
N SER C 100 19.19 8.79 13.38
CA SER C 100 20.00 8.57 12.15
C SER C 100 19.38 7.47 11.28
N PHE C 101 18.52 6.60 11.84
CA PHE C 101 17.94 5.41 11.15
C PHE C 101 16.41 5.50 11.05
N HIS C 102 15.79 6.59 11.49
CA HIS C 102 14.34 6.89 11.29
C HIS C 102 13.98 6.81 9.80
N GLY C 103 12.74 6.40 9.50
CA GLY C 103 12.20 6.31 8.13
C GLY C 103 12.99 5.37 7.22
N LYS C 104 13.69 4.38 7.77
CA LYS C 104 14.37 3.29 6.99
C LYS C 104 13.59 1.98 7.18
N GLY C 105 12.40 2.02 7.80
CA GLY C 105 11.55 0.83 8.04
C GLY C 105 12.08 -0.09 9.15
N LEU C 106 13.01 0.43 9.98
CA LEU C 106 13.72 -0.39 11.00
C LEU C 106 12.79 -0.66 12.19
N GLY C 107 11.95 0.31 12.57
CA GLY C 107 10.99 0.19 13.68
C GLY C 107 10.03 -0.97 13.46
N ALA C 108 9.53 -1.16 12.23
CA ALA C 108 8.62 -2.26 11.86
C ALA C 108 9.40 -3.58 11.76
N ASP C 109 10.67 -3.52 11.34
CA ASP C 109 11.58 -4.69 11.28
C ASP C 109 11.84 -5.21 12.71
N LEU C 110 12.03 -4.31 13.68
CA LEU C 110 12.20 -4.69 15.10
C LEU C 110 10.88 -5.25 15.64
N LEU C 111 9.74 -4.66 15.31
CA LEU C 111 8.41 -5.15 15.76
C LEU C 111 8.17 -6.55 15.18
N HIS C 112 8.55 -6.76 13.91
CA HIS C 112 8.53 -8.08 13.24
C HIS C 112 9.27 -9.10 14.12
N ASP C 113 10.53 -8.81 14.43
CA ASP C 113 11.44 -9.69 15.23
C ASP C 113 10.81 -9.95 16.60
N ALA C 114 10.37 -8.88 17.27
CA ALA C 114 9.81 -8.90 18.64
C ALA C 114 8.62 -9.84 18.69
N VAL C 115 7.70 -9.73 17.72
CA VAL C 115 6.43 -10.48 17.72
C VAL C 115 6.71 -11.96 17.40
N LEU C 116 7.58 -12.24 16.42
CA LEU C 116 7.97 -13.64 16.12
C LEU C 116 8.56 -14.27 17.37
N ARG C 117 9.41 -13.54 18.09
CA ARG C 117 10.10 -14.03 19.30
C ARG C 117 9.04 -14.38 20.36
N CYS C 118 8.04 -13.52 20.54
CA CYS C 118 6.90 -13.74 21.46
C CYS C 118 6.06 -14.97 21.01
N TYR C 119 6.00 -15.26 19.71
CA TYR C 119 5.30 -16.45 19.17
C TYR C 119 6.04 -17.71 19.64
N ARG C 120 7.37 -17.71 19.56
CA ARG C 120 8.21 -18.85 19.98
C ARG C 120 8.11 -19.03 21.49
N VAL C 121 8.06 -17.94 22.24
CA VAL C 121 7.96 -17.98 23.73
C VAL C 121 6.61 -18.59 24.09
N ALA C 122 5.53 -18.18 23.41
CA ALA C 122 4.16 -18.68 23.62
C ALA C 122 4.12 -20.19 23.41
N GLU C 123 4.80 -20.71 22.39
CA GLU C 123 4.81 -22.16 22.08
C GLU C 123 5.50 -22.95 23.21
N ASN C 124 6.38 -22.33 23.99
CA ASN C 124 7.21 -23.05 25.00
C ASN C 124 6.72 -22.81 26.44
N ILE C 125 6.12 -21.67 26.80
CA ILE C 125 5.68 -21.38 28.20
C ILE C 125 4.23 -20.88 28.26
N GLY C 126 3.58 -20.58 27.14
CA GLY C 126 2.11 -20.44 27.06
C GLY C 126 1.61 -19.06 27.47
N VAL C 127 2.46 -18.04 27.55
CA VAL C 127 2.03 -16.61 27.56
C VAL C 127 0.94 -16.41 26.50
N ARG C 128 -0.11 -15.66 26.83
CA ARG C 128 -1.35 -15.55 26.03
C ARG C 128 -1.39 -14.30 25.16
N ALA C 129 -0.64 -13.24 25.48
CA ALA C 129 -0.73 -11.95 24.73
C ALA C 129 0.53 -11.10 24.88
N ILE C 130 0.86 -10.32 23.86
CA ILE C 130 1.83 -9.18 23.96
C ILE C 130 1.08 -7.95 24.46
N MET C 131 1.55 -7.31 25.51
CA MET C 131 1.00 -6.03 26.03
C MET C 131 1.96 -4.89 25.72
N VAL C 132 1.44 -3.72 25.31
CA VAL C 132 2.25 -2.50 25.07
C VAL C 132 1.58 -1.32 25.79
N HIS C 133 2.36 -0.52 26.54
CA HIS C 133 1.98 0.82 27.03
C HIS C 133 2.73 1.89 26.20
N ALA C 134 2.06 2.44 25.20
CA ALA C 134 2.57 3.55 24.34
C ALA C 134 2.69 4.84 25.14
N LEU C 135 3.75 5.61 24.90
CA LEU C 135 4.09 6.86 25.64
C LEU C 135 3.40 8.06 24.98
N THR C 136 3.57 8.21 23.67
CA THR C 136 2.90 9.22 22.81
C THR C 136 1.71 8.55 22.13
N GLU C 137 0.80 9.35 21.56
CA GLU C 137 -0.36 8.84 20.77
C GLU C 137 0.11 8.47 19.36
N GLU C 138 1.29 8.94 18.92
CA GLU C 138 1.89 8.57 17.62
C GLU C 138 2.47 7.14 17.72
N ALA C 139 2.99 6.77 18.90
CA ALA C 139 3.47 5.41 19.21
C ALA C 139 2.28 4.44 19.20
N LYS C 140 1.18 4.79 19.85
CA LYS C 140 -0.10 4.03 19.84
C LYS C 140 -0.49 3.66 18.42
N ASN C 141 -0.46 4.63 17.50
CA ASN C 141 -0.97 4.45 16.11
C ASN C 141 0.00 3.59 15.31
N PHE C 142 1.27 3.51 15.74
CA PHE C 142 2.31 2.67 15.12
C PHE C 142 1.94 1.20 15.32
N PHE C 143 1.46 0.86 16.52
CA PHE C 143 1.06 -0.51 16.91
C PHE C 143 -0.28 -0.87 16.27
N ILE C 144 -1.25 0.04 16.31
CA ILE C 144 -2.58 -0.15 15.65
C ILE C 144 -2.34 -0.46 14.17
N HIS C 145 -1.44 0.27 13.53
CA HIS C 145 -1.12 0.14 12.09
C HIS C 145 -0.57 -1.25 11.79
N HIS C 146 -0.04 -1.95 12.79
CA HIS C 146 0.63 -3.27 12.64
C HIS C 146 -0.17 -4.38 13.34
N GLY C 147 -1.44 -4.12 13.64
CA GLY C 147 -2.41 -5.18 13.98
C GLY C 147 -2.75 -5.25 15.45
N PHE C 148 -2.10 -4.44 16.29
CA PHE C 148 -2.36 -4.42 17.75
C PHE C 148 -3.75 -3.81 17.96
N LYS C 149 -4.45 -4.27 18.99
CA LYS C 149 -5.82 -3.84 19.33
C LYS C 149 -5.73 -2.80 20.46
N SER C 150 -6.38 -1.64 20.29
CA SER C 150 -6.30 -0.50 21.23
C SER C 150 -7.35 -0.66 22.32
N SER C 151 -6.94 -0.82 23.58
CA SER C 151 -7.87 -0.75 24.75
C SER C 151 -8.55 0.62 24.73
N GLN C 152 -9.86 0.70 24.94
CA GLN C 152 -10.60 1.98 25.11
C GLN C 152 -10.93 2.23 26.57
N THR C 153 -10.57 1.31 27.47
CA THR C 153 -10.77 1.43 28.94
C THR C 153 -9.46 1.85 29.62
N GLN C 154 -8.32 1.66 28.95
CA GLN C 154 -7.01 2.25 29.35
C GLN C 154 -6.39 2.94 28.13
N GLN C 155 -5.92 4.19 28.28
CA GLN C 155 -5.38 5.07 27.20
C GLN C 155 -4.00 4.54 26.78
N ARG C 156 -3.76 4.36 25.47
CA ARG C 156 -2.43 3.96 24.92
C ARG C 156 -1.96 2.61 25.49
N THR C 157 -2.89 1.73 25.89
CA THR C 157 -2.60 0.30 26.20
C THR C 157 -3.08 -0.55 25.02
N LEU C 158 -2.21 -1.39 24.46
CA LEU C 158 -2.56 -2.24 23.30
C LEU C 158 -2.22 -3.70 23.59
N PHE C 159 -2.88 -4.61 22.88
CA PHE C 159 -2.78 -6.08 23.08
C PHE C 159 -2.62 -6.75 21.72
N LEU C 160 -1.87 -7.85 21.70
CA LEU C 160 -1.85 -8.80 20.56
C LEU C 160 -1.96 -10.22 21.13
N ARG C 161 -3.03 -10.92 20.80
CA ARG C 161 -3.27 -12.31 21.24
C ARG C 161 -2.16 -13.18 20.63
N LEU C 162 -1.64 -14.11 21.43
CA LEU C 162 -0.60 -15.08 21.00
C LEU C 162 -1.27 -16.45 20.83
N PRO C 163 -0.82 -17.26 19.86
CA PRO C 163 -1.41 -18.58 19.62
C PRO C 163 -1.38 -19.52 20.82
N GLN C 164 -2.49 -20.23 21.05
CA GLN C 164 -2.71 -21.34 22.03
C GLN C 164 -2.75 -20.71 23.42
N GLY D 5 -30.70 -12.30 -15.07
CA GLY D 5 -31.52 -13.48 -14.64
C GLY D 5 -31.11 -13.97 -13.27
N ARG D 6 -31.53 -13.27 -12.21
CA ARG D 6 -31.18 -13.57 -10.80
C ARG D 6 -32.12 -14.66 -10.26
N VAL D 7 -31.96 -14.99 -8.97
CA VAL D 7 -32.62 -16.14 -8.29
C VAL D 7 -33.17 -15.69 -6.95
N THR D 8 -34.03 -16.53 -6.37
CA THR D 8 -34.55 -16.41 -4.99
C THR D 8 -33.49 -16.91 -4.01
N ALA D 9 -33.53 -16.43 -2.76
CA ALA D 9 -32.66 -16.86 -1.64
C ALA D 9 -32.86 -18.36 -1.38
N PRO D 10 -31.81 -19.09 -0.95
CA PRO D 10 -31.92 -20.52 -0.71
C PRO D 10 -33.04 -20.82 0.29
N GLU D 11 -33.81 -21.88 0.00
CA GLU D 11 -34.93 -22.32 0.85
C GLU D 11 -34.87 -23.85 0.89
N PRO D 12 -35.41 -24.47 1.97
CA PRO D 12 -35.43 -25.92 2.07
C PRO D 12 -36.27 -26.53 0.95
N LEU D 13 -35.79 -27.60 0.33
CA LEU D 13 -36.55 -28.36 -0.70
C LEU D 13 -37.93 -28.71 -0.13
N SER D 14 -38.98 -28.37 -0.88
CA SER D 14 -40.40 -28.73 -0.59
C SER D 14 -41.02 -29.41 -1.81
N ALA D 15 -42.16 -30.06 -1.63
CA ALA D 15 -42.95 -30.71 -2.69
C ALA D 15 -43.40 -29.70 -3.77
N PHE D 16 -43.45 -28.41 -3.44
CA PHE D 16 -43.88 -27.31 -4.36
C PHE D 16 -42.77 -26.91 -5.34
N HIS D 17 -41.53 -27.35 -5.11
CA HIS D 17 -40.39 -27.03 -6.00
C HIS D 17 -40.45 -27.95 -7.21
N GLN D 18 -40.27 -27.39 -8.40
CA GLN D 18 -40.27 -28.14 -9.68
C GLN D 18 -38.82 -28.53 -9.97
N VAL D 19 -38.53 -29.84 -9.97
CA VAL D 19 -37.14 -30.39 -10.08
C VAL D 19 -37.03 -31.32 -11.29
N ALA D 20 -38.13 -31.52 -12.02
CA ALA D 20 -38.26 -32.50 -13.12
C ALA D 20 -37.31 -32.16 -14.27
N GLU D 21 -37.17 -30.87 -14.59
CA GLU D 21 -36.36 -30.38 -15.73
C GLU D 21 -34.97 -29.91 -15.28
N PHE D 22 -34.47 -30.38 -14.14
CA PHE D 22 -33.15 -29.97 -13.58
C PHE D 22 -32.04 -30.81 -14.22
N VAL D 23 -31.08 -30.16 -14.86
CA VAL D 23 -29.92 -30.81 -15.55
C VAL D 23 -28.66 -30.04 -15.16
N SER D 24 -27.72 -30.72 -14.49
CA SER D 24 -26.46 -30.12 -13.99
C SER D 24 -25.29 -30.46 -14.92
N GLY D 25 -25.33 -31.64 -15.55
CA GLY D 25 -24.19 -32.21 -16.27
C GLY D 25 -23.72 -33.49 -15.61
N GLU D 26 -23.94 -33.61 -14.31
CA GLU D 26 -23.72 -34.84 -13.52
C GLU D 26 -25.10 -35.47 -13.25
N ALA D 27 -25.36 -36.61 -13.88
CA ALA D 27 -26.69 -37.25 -13.95
C ALA D 27 -27.04 -37.86 -12.59
N VAL D 28 -26.04 -38.35 -11.85
CA VAL D 28 -26.25 -39.03 -10.53
C VAL D 28 -26.82 -38.01 -9.54
N LEU D 29 -26.36 -36.75 -9.58
CA LEU D 29 -26.86 -35.66 -8.70
C LEU D 29 -28.29 -35.29 -9.10
N ASP D 30 -28.53 -35.11 -10.41
CA ASP D 30 -29.87 -34.75 -10.98
C ASP D 30 -30.89 -35.84 -10.62
N ASP D 31 -30.49 -37.11 -10.68
CA ASP D 31 -31.35 -38.28 -10.38
C ASP D 31 -31.66 -38.32 -8.88
N TRP D 32 -30.66 -38.11 -8.03
CA TRP D 32 -30.82 -38.06 -6.55
C TRP D 32 -31.89 -37.02 -6.21
N LEU D 33 -31.77 -35.81 -6.78
CA LEU D 33 -32.69 -34.69 -6.49
C LEU D 33 -34.13 -35.13 -6.80
N LYS D 34 -34.36 -35.69 -7.99
CA LYS D 34 -35.71 -36.03 -8.51
C LYS D 34 -36.30 -37.24 -7.78
N GLN D 35 -35.47 -38.19 -7.32
CA GLN D 35 -35.91 -39.51 -6.83
C GLN D 35 -35.73 -39.69 -5.31
N LYS D 36 -34.85 -38.90 -4.66
CA LYS D 36 -34.51 -39.10 -3.23
C LYS D 36 -34.59 -37.78 -2.44
N GLY D 37 -34.61 -36.63 -3.10
CA GLY D 37 -34.55 -35.30 -2.45
C GLY D 37 -35.58 -35.18 -1.34
N LEU D 38 -36.85 -35.29 -1.68
CA LEU D 38 -38.01 -35.08 -0.76
C LEU D 38 -38.01 -36.16 0.33
N LYS D 39 -37.75 -37.41 -0.05
CA LYS D 39 -37.82 -38.57 0.87
C LYS D 39 -36.80 -38.34 2.00
N ASN D 40 -35.57 -37.98 1.63
CA ASN D 40 -34.45 -37.75 2.58
C ASN D 40 -34.73 -36.48 3.39
N GLN D 41 -35.37 -35.48 2.78
CA GLN D 41 -35.78 -34.24 3.47
C GLN D 41 -36.68 -34.63 4.65
N ALA D 42 -37.68 -35.50 4.41
CA ALA D 42 -38.69 -35.93 5.40
C ALA D 42 -38.05 -36.88 6.43
N LEU D 43 -37.19 -37.81 6.00
CA LEU D 43 -36.44 -38.73 6.90
C LEU D 43 -35.42 -37.94 7.74
N GLY D 44 -34.95 -36.80 7.23
CA GLY D 44 -33.87 -36.01 7.86
C GLY D 44 -32.50 -36.62 7.60
N ALA D 45 -32.39 -37.54 6.64
CA ALA D 45 -31.13 -38.21 6.25
C ALA D 45 -30.23 -37.19 5.54
N ALA D 46 -30.82 -36.15 4.96
CA ALA D 46 -30.12 -35.04 4.27
C ALA D 46 -31.03 -33.82 4.31
N ARG D 47 -30.43 -32.64 4.30
CA ARG D 47 -31.19 -31.36 4.22
C ARG D 47 -30.77 -30.64 2.93
N THR D 48 -31.71 -30.52 1.99
CA THR D 48 -31.46 -29.95 0.65
C THR D 48 -32.00 -28.52 0.64
N PHE D 49 -31.16 -27.58 0.19
CA PHE D 49 -31.53 -26.17 -0.03
C PHE D 49 -31.48 -25.93 -1.53
N VAL D 50 -32.48 -25.21 -2.04
CA VAL D 50 -32.62 -24.90 -3.49
C VAL D 50 -32.66 -23.38 -3.64
N VAL D 51 -32.15 -22.91 -4.78
CA VAL D 51 -32.44 -21.55 -5.33
C VAL D 51 -33.31 -21.77 -6.57
N CYS D 52 -34.30 -20.90 -6.76
CA CYS D 52 -35.23 -20.95 -7.92
C CYS D 52 -35.02 -19.72 -8.81
N LYS D 53 -35.32 -19.84 -10.10
CA LYS D 53 -35.43 -18.68 -11.03
C LYS D 53 -36.46 -17.72 -10.41
N LYS D 54 -36.20 -16.41 -10.40
CA LYS D 54 -37.09 -15.44 -9.70
C LYS D 54 -38.50 -15.54 -10.29
N ASP D 55 -39.52 -15.36 -9.45
CA ASP D 55 -40.97 -15.43 -9.83
C ASP D 55 -41.36 -16.86 -10.23
N THR D 56 -40.59 -17.87 -9.83
CA THR D 56 -40.80 -19.29 -10.17
C THR D 56 -40.58 -20.18 -8.94
N LYS D 57 -40.86 -21.48 -9.08
CA LYS D 57 -40.51 -22.55 -8.12
C LYS D 57 -39.69 -23.62 -8.86
N GLN D 58 -39.08 -23.26 -9.99
CA GLN D 58 -38.16 -24.11 -10.77
C GLN D 58 -36.75 -23.96 -10.20
N VAL D 59 -36.10 -25.08 -9.92
CA VAL D 59 -34.81 -25.13 -9.18
C VAL D 59 -33.68 -24.85 -10.17
N ALA D 60 -32.92 -23.78 -9.92
CA ALA D 60 -31.73 -23.34 -10.70
C ALA D 60 -30.47 -24.00 -10.15
N GLY D 61 -30.42 -24.24 -8.83
CA GLY D 61 -29.28 -24.87 -8.14
C GLY D 61 -29.67 -25.38 -6.76
N PHE D 62 -28.88 -26.29 -6.20
CA PHE D 62 -29.14 -26.88 -4.86
C PHE D 62 -27.86 -27.43 -4.26
N TYR D 63 -27.88 -27.63 -2.94
CA TYR D 63 -26.88 -28.43 -2.19
C TYR D 63 -27.58 -29.20 -1.06
N SER D 64 -26.95 -30.28 -0.61
CA SER D 64 -27.43 -31.17 0.46
C SER D 64 -26.39 -31.26 1.57
N LEU D 65 -26.79 -30.93 2.80
CA LEU D 65 -26.00 -31.14 4.04
C LEU D 65 -26.52 -32.40 4.73
N ALA D 66 -25.62 -33.21 5.28
CA ALA D 66 -25.94 -34.45 6.03
C ALA D 66 -24.96 -34.59 7.19
N THR D 67 -25.38 -35.26 8.26
CA THR D 67 -24.52 -35.55 9.43
C THR D 67 -23.75 -36.84 9.13
N GLY D 68 -22.46 -36.85 9.47
CA GLY D 68 -21.60 -38.04 9.42
C GLY D 68 -20.69 -38.06 10.63
N SER D 69 -19.85 -39.09 10.71
CA SER D 69 -18.83 -39.27 11.78
C SER D 69 -17.58 -39.91 11.19
N VAL D 70 -16.41 -39.56 11.71
CA VAL D 70 -15.09 -40.13 11.32
C VAL D 70 -14.59 -40.99 12.49
N ASN D 71 -14.17 -42.22 12.18
CA ASN D 71 -13.81 -43.28 13.16
C ASN D 71 -12.39 -43.78 12.87
N HIS D 72 -11.75 -44.39 13.86
CA HIS D 72 -10.52 -45.22 13.74
C HIS D 72 -10.89 -46.69 13.95
N THR D 73 -10.45 -47.58 13.06
CA THR D 73 -10.91 -49.01 13.04
C THR D 73 -10.16 -49.80 14.13
N PRO D 84 -18.79 -40.63 23.19
CA PRO D 84 -18.33 -41.65 22.26
C PRO D 84 -16.91 -41.32 21.75
N ASP D 85 -16.37 -42.16 20.87
CA ASP D 85 -15.05 -41.99 20.21
C ASP D 85 -15.16 -41.27 18.86
N PRO D 86 -16.11 -41.64 17.97
CA PRO D 86 -16.18 -41.07 16.62
C PRO D 86 -16.43 -39.55 16.60
N ILE D 87 -15.86 -38.87 15.60
CA ILE D 87 -15.82 -37.38 15.51
C ILE D 87 -16.88 -36.95 14.50
N PRO D 88 -17.92 -36.21 14.94
CA PRO D 88 -18.96 -35.74 14.04
C PRO D 88 -18.44 -34.71 13.03
N VAL D 89 -18.97 -34.78 11.82
CA VAL D 89 -18.64 -33.89 10.68
C VAL D 89 -19.95 -33.58 9.97
N ILE D 90 -19.98 -32.47 9.23
CA ILE D 90 -21.06 -32.24 8.22
C ILE D 90 -20.55 -32.78 6.90
N ILE D 91 -21.40 -33.51 6.18
CA ILE D 91 -21.12 -33.96 4.80
C ILE D 91 -21.87 -33.02 3.86
N LEU D 92 -21.12 -32.22 3.10
CA LEU D 92 -21.63 -31.57 1.87
C LEU D 92 -21.69 -32.66 0.81
N ALA D 93 -22.84 -33.34 0.74
CA ALA D 93 -23.07 -34.55 -0.08
C ALA D 93 -23.15 -34.17 -1.56
N ARG D 94 -23.72 -33.01 -1.86
CA ARG D 94 -24.13 -32.61 -3.23
C ARG D 94 -24.09 -31.09 -3.35
N LEU D 95 -23.65 -30.62 -4.51
CA LEU D 95 -23.84 -29.24 -4.99
C LEU D 95 -23.93 -29.31 -6.51
N ALA D 96 -24.98 -28.71 -7.07
CA ALA D 96 -25.23 -28.67 -8.51
C ALA D 96 -25.87 -27.35 -8.89
N VAL D 97 -25.50 -26.83 -10.07
CA VAL D 97 -26.19 -25.71 -10.76
C VAL D 97 -26.74 -26.26 -12.07
N ASP D 98 -27.93 -25.82 -12.47
CA ASP D 98 -28.53 -26.19 -13.77
C ASP D 98 -27.66 -25.61 -14.88
N LEU D 99 -27.43 -26.36 -15.97
CA LEU D 99 -26.59 -25.94 -17.13
C LEU D 99 -27.04 -24.58 -17.66
N SER D 100 -28.33 -24.24 -17.59
CA SER D 100 -28.88 -22.90 -17.96
C SER D 100 -28.24 -21.78 -17.12
N PHE D 101 -27.70 -22.09 -15.94
CA PHE D 101 -27.16 -21.11 -14.96
C PHE D 101 -25.64 -21.28 -14.72
N HIS D 102 -25.01 -22.26 -15.39
CA HIS D 102 -23.56 -22.57 -15.29
C HIS D 102 -22.75 -21.31 -15.62
N GLY D 103 -21.58 -21.16 -15.01
CA GLY D 103 -20.64 -20.05 -15.24
C GLY D 103 -21.21 -18.67 -15.00
N LYS D 104 -22.26 -18.54 -14.16
CA LYS D 104 -22.85 -17.23 -13.74
C LYS D 104 -22.49 -16.95 -12.27
N GLY D 105 -21.59 -17.75 -11.67
CA GLY D 105 -21.10 -17.55 -10.30
C GLY D 105 -22.08 -18.04 -9.25
N LEU D 106 -23.10 -18.81 -9.65
CA LEU D 106 -24.14 -19.36 -8.73
C LEU D 106 -23.54 -20.50 -7.89
N GLY D 107 -22.66 -21.33 -8.48
CA GLY D 107 -22.00 -22.46 -7.81
C GLY D 107 -21.21 -22.01 -6.59
N ALA D 108 -20.49 -20.90 -6.69
CA ALA D 108 -19.69 -20.29 -5.59
C ALA D 108 -20.64 -19.63 -4.58
N ASP D 109 -21.74 -19.05 -5.05
CA ASP D 109 -22.79 -18.44 -4.20
C ASP D 109 -23.43 -19.52 -3.32
N LEU D 110 -23.71 -20.70 -3.88
CA LEU D 110 -24.27 -21.85 -3.13
C LEU D 110 -23.23 -22.36 -2.12
N LEU D 111 -21.96 -22.47 -2.53
CA LEU D 111 -20.89 -22.94 -1.62
C LEU D 111 -20.73 -21.95 -0.46
N HIS D 112 -20.81 -20.65 -0.75
CA HIS D 112 -20.83 -19.56 0.26
C HIS D 112 -21.93 -19.85 1.30
N ASP D 113 -23.16 -20.04 0.84
CA ASP D 113 -24.37 -20.29 1.67
C ASP D 113 -24.14 -21.55 2.50
N ALA D 114 -23.71 -22.63 1.84
CA ALA D 114 -23.53 -23.98 2.44
C ALA D 114 -22.53 -23.88 3.60
N VAL D 115 -21.42 -23.20 3.39
CA VAL D 115 -20.31 -23.13 4.38
C VAL D 115 -20.76 -22.23 5.56
N LEU D 116 -21.40 -21.10 5.30
CA LEU D 116 -21.94 -20.23 6.40
C LEU D 116 -22.91 -21.05 7.24
N ARG D 117 -23.78 -21.82 6.59
CA ARG D 117 -24.81 -22.66 7.27
C ARG D 117 -24.08 -23.67 8.18
N CYS D 118 -23.02 -24.31 7.69
CA CYS D 118 -22.18 -25.26 8.46
C CYS D 118 -21.47 -24.55 9.62
N TYR D 119 -21.15 -23.26 9.48
CA TYR D 119 -20.55 -22.43 10.57
C TYR D 119 -21.58 -22.30 11.69
N ARG D 120 -22.83 -22.00 11.36
CA ARG D 120 -23.93 -21.86 12.36
C ARG D 120 -24.20 -23.21 13.04
N VAL D 121 -24.13 -24.31 12.28
CA VAL D 121 -24.38 -25.67 12.82
C VAL D 121 -23.26 -25.98 13.83
N ALA D 122 -22.01 -25.68 13.47
CA ALA D 122 -20.82 -25.93 14.31
C ALA D 122 -20.96 -25.18 15.64
N GLU D 123 -21.47 -23.94 15.61
CA GLU D 123 -21.65 -23.10 16.83
C GLU D 123 -22.66 -23.75 17.78
N ASN D 124 -23.61 -24.57 17.28
CA ASN D 124 -24.73 -25.11 18.10
C ASN D 124 -24.52 -26.58 18.47
N ILE D 125 -23.89 -27.43 17.65
CA ILE D 125 -23.75 -28.90 17.94
C ILE D 125 -22.29 -29.39 17.81
N GLY D 126 -21.37 -28.55 17.34
CA GLY D 126 -19.92 -28.77 17.52
C GLY D 126 -19.31 -29.73 16.51
N VAL D 127 -19.97 -30.00 15.38
CA VAL D 127 -19.29 -30.59 14.18
C VAL D 127 -17.95 -29.85 13.97
N ARG D 128 -16.88 -30.59 13.64
CA ARG D 128 -15.50 -30.06 13.60
C ARG D 128 -15.06 -29.70 12.17
N ALA D 129 -15.69 -30.29 11.15
CA ALA D 129 -15.28 -30.10 9.74
C ALA D 129 -16.42 -30.40 8.78
N ILE D 130 -16.40 -29.72 7.62
CA ILE D 130 -17.18 -30.12 6.41
C ILE D 130 -16.36 -31.15 5.65
N MET D 131 -16.95 -32.30 5.34
CA MET D 131 -16.33 -33.35 4.51
C MET D 131 -16.99 -33.37 3.13
N VAL D 132 -16.20 -33.56 2.08
CA VAL D 132 -16.71 -33.68 0.69
C VAL D 132 -16.07 -34.94 0.08
N HIS D 133 -16.90 -35.81 -0.49
CA HIS D 133 -16.48 -36.94 -1.37
C HIS D 133 -16.84 -36.58 -2.81
N ALA D 134 -15.88 -36.03 -3.56
CA ALA D 134 -15.99 -35.62 -4.97
C ALA D 134 -16.12 -36.88 -5.84
N LEU D 135 -16.97 -36.82 -6.86
CA LEU D 135 -17.29 -37.96 -7.77
C LEU D 135 -16.29 -37.97 -8.94
N THR D 136 -16.13 -36.82 -9.60
CA THR D 136 -15.14 -36.54 -10.65
C THR D 136 -13.95 -35.81 -10.00
N GLU D 137 -12.82 -35.75 -10.71
CA GLU D 137 -11.62 -34.99 -10.23
C GLU D 137 -11.78 -33.51 -10.57
N GLU D 138 -12.73 -33.16 -11.44
CA GLU D 138 -13.07 -31.76 -11.78
C GLU D 138 -13.90 -31.15 -10.65
N ALA D 139 -14.73 -31.97 -9.98
CA ALA D 139 -15.50 -31.59 -8.77
C ALA D 139 -14.52 -31.26 -7.63
N LYS D 140 -13.56 -32.16 -7.40
CA LYS D 140 -12.46 -31.97 -6.41
C LYS D 140 -11.84 -30.56 -6.56
N ASN D 141 -11.51 -30.15 -7.78
CA ASN D 141 -10.72 -28.92 -8.03
C ASN D 141 -11.61 -27.68 -7.82
N PHE D 142 -12.94 -27.85 -7.88
CA PHE D 142 -13.90 -26.75 -7.58
C PHE D 142 -13.78 -26.35 -6.10
N PHE D 143 -13.66 -27.36 -5.25
CA PHE D 143 -13.58 -27.21 -3.77
C PHE D 143 -12.18 -26.71 -3.37
N ILE D 144 -11.13 -27.27 -3.97
CA ILE D 144 -9.72 -26.83 -3.73
C ILE D 144 -9.64 -25.33 -4.05
N HIS D 145 -10.25 -24.90 -5.17
CA HIS D 145 -10.21 -23.49 -5.64
C HIS D 145 -10.84 -22.56 -4.59
N HIS D 146 -11.70 -23.09 -3.72
CA HIS D 146 -12.49 -22.30 -2.74
C HIS D 146 -12.04 -22.60 -1.30
N GLY D 147 -10.87 -23.20 -1.12
CA GLY D 147 -10.15 -23.21 0.16
C GLY D 147 -10.24 -24.55 0.86
N PHE D 148 -10.95 -25.53 0.29
CA PHE D 148 -11.00 -26.90 0.84
C PHE D 148 -9.63 -27.53 0.68
N LYS D 149 -9.22 -28.35 1.65
CA LYS D 149 -7.93 -29.06 1.62
C LYS D 149 -8.15 -30.46 1.10
N SER D 150 -7.34 -30.87 0.11
CA SER D 150 -7.37 -32.20 -0.54
C SER D 150 -6.64 -33.21 0.34
N SER D 151 -7.34 -34.24 0.79
CA SER D 151 -6.74 -35.36 1.55
C SER D 151 -5.60 -35.98 0.73
N GLN D 152 -4.47 -36.24 1.40
CA GLN D 152 -3.28 -36.92 0.83
C GLN D 152 -3.27 -38.41 1.22
N THR D 153 -4.24 -38.86 2.02
CA THR D 153 -4.41 -40.28 2.42
C THR D 153 -5.52 -40.93 1.56
N GLN D 154 -6.42 -40.13 0.98
CA GLN D 154 -7.60 -40.68 0.27
C GLN D 154 -7.90 -39.84 -0.96
N GLN D 155 -8.56 -40.50 -1.91
CA GLN D 155 -8.79 -39.96 -3.27
C GLN D 155 -10.11 -39.24 -3.27
N ARG D 156 -10.14 -38.02 -3.82
CA ARG D 156 -11.38 -37.22 -4.05
C ARG D 156 -12.08 -36.96 -2.72
N THR D 157 -11.35 -36.87 -1.61
CA THR D 157 -11.90 -36.54 -0.28
C THR D 157 -11.29 -35.20 0.15
N LEU D 158 -12.13 -34.23 0.51
CA LEU D 158 -11.67 -32.88 0.92
C LEU D 158 -12.30 -32.51 2.26
N PHE D 159 -11.65 -31.59 2.99
CA PHE D 159 -12.06 -31.16 4.35
C PHE D 159 -12.02 -29.63 4.41
N LEU D 160 -12.92 -29.06 5.20
CA LEU D 160 -12.83 -27.66 5.67
C LEU D 160 -13.08 -27.65 7.17
N ARG D 161 -12.08 -27.23 7.95
CA ARG D 161 -12.17 -27.15 9.41
C ARG D 161 -13.22 -26.09 9.75
N LEU D 162 -14.04 -26.38 10.76
CA LEU D 162 -15.11 -25.48 11.27
C LEU D 162 -14.66 -24.88 12.59
N PRO D 163 -15.10 -23.65 12.92
CA PRO D 163 -14.77 -23.01 14.18
C PRO D 163 -15.10 -23.82 15.45
N GLN D 164 -14.13 -23.83 16.37
CA GLN D 164 -14.14 -24.43 17.74
C GLN D 164 -14.38 -25.94 17.70
N ARG E 6 8.22 -23.93 -13.61
CA ARG E 6 7.28 -24.34 -14.71
C ARG E 6 6.49 -23.11 -15.20
N VAL E 7 7.19 -22.14 -15.82
CA VAL E 7 6.64 -20.82 -16.25
C VAL E 7 7.17 -20.51 -17.65
N THR E 8 6.46 -19.71 -18.44
CA THR E 8 6.85 -19.33 -19.82
C THR E 8 7.80 -18.14 -19.76
N ALA E 9 8.64 -17.97 -20.79
CA ALA E 9 9.57 -16.82 -20.97
C ALA E 9 8.77 -15.52 -21.06
N PRO E 10 9.32 -14.39 -20.56
CA PRO E 10 8.62 -13.10 -20.60
C PRO E 10 8.19 -12.75 -22.03
N GLU E 11 6.98 -12.19 -22.14
CA GLU E 11 6.43 -11.67 -23.41
C GLU E 11 5.73 -10.35 -23.11
N PRO E 12 5.59 -9.46 -24.10
CA PRO E 12 4.88 -8.19 -23.91
C PRO E 12 3.42 -8.45 -23.56
N LEU E 13 2.88 -7.71 -22.57
CA LEU E 13 1.46 -7.77 -22.19
C LEU E 13 0.60 -7.57 -23.45
N SER E 14 -0.35 -8.47 -23.69
CA SER E 14 -1.37 -8.39 -24.77
C SER E 14 -2.77 -8.57 -24.20
N ALA E 15 -3.78 -8.24 -24.99
CA ALA E 15 -5.22 -8.38 -24.64
C ALA E 15 -5.57 -9.85 -24.36
N PHE E 16 -4.78 -10.81 -24.85
CA PHE E 16 -5.00 -12.27 -24.68
C PHE E 16 -4.56 -12.75 -23.30
N HIS E 17 -3.81 -11.95 -22.55
CA HIS E 17 -3.31 -12.34 -21.21
C HIS E 17 -4.44 -12.15 -20.19
N GLN E 18 -4.66 -13.15 -19.34
CA GLN E 18 -5.69 -13.09 -18.27
C GLN E 18 -5.01 -12.58 -17.00
N VAL E 19 -5.46 -11.43 -16.53
CA VAL E 19 -4.84 -10.67 -15.40
C VAL E 19 -5.90 -10.41 -14.32
N ALA E 20 -7.14 -10.87 -14.52
CA ALA E 20 -8.30 -10.53 -13.65
C ALA E 20 -8.10 -11.13 -12.25
N GLU E 21 -7.57 -12.35 -12.16
CA GLU E 21 -7.36 -13.09 -10.89
C GLU E 21 -5.90 -12.99 -10.41
N PHE E 22 -5.19 -11.92 -10.78
CA PHE E 22 -3.77 -11.72 -10.39
C PHE E 22 -3.74 -11.02 -9.03
N VAL E 23 -3.08 -11.63 -8.04
CA VAL E 23 -2.93 -11.09 -6.67
C VAL E 23 -1.45 -11.21 -6.26
N SER E 24 -0.80 -10.08 -5.96
CA SER E 24 0.63 -10.00 -5.59
C SER E 24 0.78 -9.87 -4.07
N GLY E 25 -0.18 -9.22 -3.42
CA GLY E 25 -0.09 -8.82 -2.00
C GLY E 25 -0.20 -7.32 -1.91
N GLU E 26 0.30 -6.61 -2.92
CA GLU E 26 0.18 -5.13 -3.05
C GLU E 26 -0.89 -4.81 -4.09
N ALA E 27 -2.00 -4.24 -3.61
CA ALA E 27 -3.25 -4.02 -4.38
C ALA E 27 -3.04 -2.95 -5.45
N VAL E 28 -2.19 -1.93 -5.21
CA VAL E 28 -2.03 -0.81 -6.18
C VAL E 28 -1.33 -1.35 -7.43
N LEU E 29 -0.40 -2.30 -7.30
CA LEU E 29 0.29 -2.95 -8.46
C LEU E 29 -0.72 -3.81 -9.23
N ASP E 30 -1.48 -4.64 -8.52
CA ASP E 30 -2.51 -5.57 -9.09
C ASP E 30 -3.57 -4.75 -9.84
N ASP E 31 -3.97 -3.61 -9.29
CA ASP E 31 -5.01 -2.70 -9.89
C ASP E 31 -4.43 -2.04 -11.14
N TRP E 32 -3.18 -1.56 -11.10
CA TRP E 32 -2.51 -0.95 -12.28
C TRP E 32 -2.53 -1.96 -13.43
N LEU E 33 -2.12 -3.19 -13.17
CA LEU E 33 -2.04 -4.25 -14.21
C LEU E 33 -3.41 -4.41 -14.87
N LYS E 34 -4.47 -4.56 -14.08
CA LYS E 34 -5.85 -4.89 -14.54
C LYS E 34 -6.49 -3.70 -15.26
N GLN E 35 -6.16 -2.47 -14.87
CA GLN E 35 -6.90 -1.24 -15.26
C GLN E 35 -6.07 -0.34 -16.19
N LYS E 36 -4.74 -0.44 -16.18
CA LYS E 36 -3.86 0.53 -16.91
C LYS E 36 -2.80 -0.18 -17.75
N GLY E 37 -2.55 -1.47 -17.53
CA GLY E 37 -1.52 -2.26 -18.23
C GLY E 37 -1.60 -2.09 -19.73
N LEU E 38 -2.72 -2.52 -20.29
CA LEU E 38 -2.98 -2.56 -21.76
C LEU E 38 -3.01 -1.13 -22.32
N LYS E 39 -3.66 -0.21 -21.61
CA LYS E 39 -3.84 1.20 -22.08
C LYS E 39 -2.46 1.81 -22.29
N ASN E 40 -1.56 1.67 -21.31
CA ASN E 40 -0.20 2.23 -21.33
C ASN E 40 0.64 1.47 -22.37
N GLN E 41 0.39 0.18 -22.54
CA GLN E 41 1.06 -0.64 -23.59
C GLN E 41 0.78 0.01 -24.95
N ALA E 42 -0.48 0.35 -25.22
CA ALA E 42 -0.95 0.93 -26.50
C ALA E 42 -0.47 2.38 -26.65
N LEU E 43 -0.52 3.19 -25.58
CA LEU E 43 0.01 4.58 -25.55
C LEU E 43 1.53 4.58 -25.68
N GLY E 44 2.19 3.49 -25.28
CA GLY E 44 3.66 3.40 -25.21
C GLY E 44 4.23 4.10 -23.98
N ALA E 45 3.38 4.49 -23.02
CA ALA E 45 3.75 5.22 -21.79
C ALA E 45 4.54 4.29 -20.86
N ALA E 46 4.32 2.99 -20.99
CA ALA E 46 5.01 1.94 -20.21
C ALA E 46 5.01 0.66 -21.05
N ARG E 47 6.03 -0.17 -20.88
CA ARG E 47 6.08 -1.49 -21.56
C ARG E 47 6.11 -2.59 -20.51
N THR E 48 5.05 -3.38 -20.46
CA THR E 48 4.84 -4.45 -19.46
C THR E 48 5.20 -5.79 -20.09
N PHE E 49 6.03 -6.57 -19.41
CA PHE E 49 6.38 -7.96 -19.76
C PHE E 49 5.77 -8.87 -18.71
N VAL E 50 5.18 -9.98 -19.16
CA VAL E 50 4.47 -10.96 -18.28
C VAL E 50 5.13 -12.33 -18.48
N VAL E 51 5.15 -13.13 -17.41
CA VAL E 51 5.37 -14.59 -17.47
C VAL E 51 4.04 -15.25 -17.11
N CYS E 52 3.71 -16.35 -17.79
CA CYS E 52 2.43 -17.08 -17.63
C CYS E 52 2.74 -18.50 -17.11
N LYS E 53 1.78 -19.11 -16.41
CA LYS E 53 1.80 -20.57 -16.09
C LYS E 53 1.86 -21.29 -17.44
N LYS E 54 2.69 -22.34 -17.53
CA LYS E 54 2.89 -23.10 -18.80
C LYS E 54 1.53 -23.54 -19.34
N ASP E 55 1.41 -23.59 -20.67
CA ASP E 55 0.21 -24.04 -21.44
C ASP E 55 -0.92 -23.01 -21.27
N THR E 56 -0.65 -21.79 -20.77
CA THR E 56 -1.72 -20.81 -20.42
C THR E 56 -1.34 -19.40 -20.86
N LYS E 57 -2.28 -18.47 -20.71
CA LYS E 57 -2.10 -17.00 -20.82
C LYS E 57 -2.54 -16.34 -19.50
N GLN E 58 -2.45 -17.08 -18.40
CA GLN E 58 -2.69 -16.57 -17.01
C GLN E 58 -1.35 -16.04 -16.50
N VAL E 59 -1.34 -14.80 -16.02
CA VAL E 59 -0.10 -14.06 -15.68
C VAL E 59 0.31 -14.48 -14.26
N ALA E 60 1.51 -15.05 -14.12
CA ALA E 60 2.13 -15.46 -12.84
C ALA E 60 2.94 -14.30 -12.25
N GLY E 61 3.55 -13.48 -13.11
CA GLY E 61 4.36 -12.31 -12.71
C GLY E 61 4.57 -11.34 -13.87
N PHE E 62 4.96 -10.11 -13.56
CA PHE E 62 5.17 -9.05 -14.58
C PHE E 62 6.10 -7.96 -14.03
N TYR E 63 6.66 -7.17 -14.95
CA TYR E 63 7.34 -5.88 -14.65
C TYR E 63 7.03 -4.89 -15.77
N SER E 64 7.15 -3.60 -15.47
CA SER E 64 6.91 -2.46 -16.40
C SER E 64 8.16 -1.58 -16.49
N LEU E 65 8.67 -1.37 -17.71
CA LEU E 65 9.72 -0.37 -18.02
C LEU E 65 9.07 0.88 -18.61
N ALA E 66 9.58 2.06 -18.23
CA ALA E 66 9.14 3.37 -18.75
C ALA E 66 10.35 4.29 -18.89
N THR E 67 10.30 5.24 -19.82
CA THR E 67 11.35 6.27 -19.99
C THR E 67 11.01 7.44 -19.06
N GLY E 68 12.02 7.99 -18.40
CA GLY E 68 11.89 9.18 -17.55
C GLY E 68 13.13 10.04 -17.62
N SER E 69 13.18 11.11 -16.84
CA SER E 69 14.26 12.12 -16.84
C SER E 69 14.44 12.66 -15.41
N VAL E 70 15.68 12.99 -15.06
CA VAL E 70 16.05 13.64 -13.76
C VAL E 70 16.44 15.09 -14.07
N ASN E 71 15.87 16.03 -13.32
CA ASN E 71 16.05 17.50 -13.45
C ASN E 71 16.53 18.08 -12.11
N HIS E 72 17.11 19.28 -12.13
CA HIS E 72 17.55 20.05 -10.94
C HIS E 72 16.63 21.26 -10.76
N THR E 73 16.10 21.46 -9.54
CA THR E 73 15.11 22.52 -9.23
C THR E 73 15.82 23.88 -9.14
N PRO E 84 22.49 20.58 -16.87
CA PRO E 84 21.44 21.47 -16.33
C PRO E 84 20.10 21.10 -16.98
N ASP E 85 20.21 20.50 -18.17
CA ASP E 85 19.09 19.96 -19.01
C ASP E 85 18.92 18.47 -18.69
N PRO E 86 17.69 17.92 -18.79
CA PRO E 86 17.33 16.70 -18.06
C PRO E 86 18.12 15.45 -18.49
N ILE E 87 18.38 14.57 -17.52
CA ILE E 87 19.18 13.32 -17.71
C ILE E 87 18.22 12.15 -17.83
N PRO E 88 18.17 11.49 -19.01
CA PRO E 88 17.26 10.36 -19.21
C PRO E 88 17.67 9.15 -18.37
N VAL E 89 16.66 8.42 -17.89
CA VAL E 89 16.79 7.20 -17.07
C VAL E 89 15.70 6.23 -17.54
N ILE E 90 15.86 4.94 -17.28
CA ILE E 90 14.75 3.97 -17.38
C ILE E 90 14.12 3.87 -16.00
N ILE E 91 12.80 3.88 -15.94
CA ILE E 91 12.03 3.65 -14.70
C ILE E 91 11.53 2.20 -14.74
N LEU E 92 12.06 1.36 -13.85
CA LEU E 92 11.42 0.09 -13.45
C LEU E 92 10.26 0.47 -12.53
N ALA E 93 9.09 0.70 -13.13
CA ALA E 93 7.88 1.27 -12.49
C ALA E 93 7.24 0.24 -11.56
N ARG E 94 7.30 -1.04 -11.92
CA ARG E 94 6.55 -2.12 -11.25
C ARG E 94 7.26 -3.45 -11.45
N LEU E 95 7.22 -4.30 -10.42
CA LEU E 95 7.57 -5.73 -10.49
C LEU E 95 6.74 -6.46 -9.44
N ALA E 96 6.03 -7.49 -9.86
CA ALA E 96 5.08 -8.24 -8.99
C ALA E 96 5.06 -9.71 -9.41
N VAL E 97 4.96 -10.59 -8.43
CA VAL E 97 4.71 -12.04 -8.63
C VAL E 97 3.39 -12.37 -7.94
N ASP E 98 2.58 -13.23 -8.56
CA ASP E 98 1.30 -13.70 -7.96
C ASP E 98 1.66 -14.54 -6.72
N LEU E 99 0.88 -14.39 -5.64
CA LEU E 99 1.12 -15.07 -4.33
C LEU E 99 1.27 -16.59 -4.52
N SER E 100 0.60 -17.18 -5.52
CA SER E 100 0.74 -18.61 -5.88
C SER E 100 2.20 -18.96 -6.24
N PHE E 101 3.00 -17.97 -6.67
CA PHE E 101 4.38 -18.17 -7.17
C PHE E 101 5.44 -17.47 -6.31
N HIS E 102 5.04 -16.81 -5.22
CA HIS E 102 5.97 -16.13 -4.26
C HIS E 102 7.02 -17.13 -3.74
N GLY E 103 8.23 -16.65 -3.45
CA GLY E 103 9.34 -17.44 -2.89
C GLY E 103 9.74 -18.65 -3.73
N LYS E 104 9.49 -18.65 -5.04
CA LYS E 104 9.91 -19.73 -5.97
C LYS E 104 11.04 -19.22 -6.89
N GLY E 105 11.63 -18.08 -6.57
CA GLY E 105 12.78 -17.51 -7.31
C GLY E 105 12.35 -16.78 -8.59
N LEU E 106 11.05 -16.57 -8.79
CA LEU E 106 10.52 -15.94 -10.03
C LEU E 106 10.76 -14.43 -9.99
N GLY E 107 10.64 -13.79 -8.81
CA GLY E 107 10.87 -12.35 -8.63
C GLY E 107 12.28 -11.93 -9.06
N ALA E 108 13.29 -12.73 -8.73
CA ALA E 108 14.70 -12.50 -9.09
C ALA E 108 14.91 -12.80 -10.57
N ASP E 109 14.18 -13.79 -11.11
CA ASP E 109 14.22 -14.15 -12.55
C ASP E 109 13.68 -12.98 -13.39
N LEU E 110 12.59 -12.34 -12.94
CA LEU E 110 12.00 -11.15 -13.60
C LEU E 110 12.98 -9.97 -13.51
N LEU E 111 13.60 -9.77 -12.34
CA LEU E 111 14.57 -8.66 -12.15
C LEU E 111 15.78 -8.88 -13.06
N HIS E 112 16.24 -10.12 -13.18
CA HIS E 112 17.31 -10.54 -14.12
C HIS E 112 16.94 -10.06 -15.54
N ASP E 113 15.76 -10.45 -16.01
CA ASP E 113 15.25 -10.13 -17.37
C ASP E 113 15.17 -8.61 -17.54
N ALA E 114 14.58 -7.92 -16.55
CA ALA E 114 14.32 -6.46 -16.57
C ALA E 114 15.63 -5.71 -16.73
N VAL E 115 16.65 -6.11 -15.97
CA VAL E 115 17.96 -5.39 -15.92
C VAL E 115 18.71 -5.66 -17.24
N LEU E 116 18.72 -6.89 -17.73
CA LEU E 116 19.38 -7.19 -19.03
C LEU E 116 18.72 -6.37 -20.13
N ARG E 117 17.39 -6.27 -20.10
CA ARG E 117 16.59 -5.50 -21.09
C ARG E 117 17.04 -4.03 -21.06
N CYS E 118 17.19 -3.47 -19.87
CA CYS E 118 17.66 -2.08 -19.66
C CYS E 118 19.11 -1.90 -20.13
N TYR E 119 19.93 -2.96 -20.06
CA TYR E 119 21.33 -2.95 -20.59
C TYR E 119 21.28 -2.76 -22.10
N ARG E 120 20.40 -3.49 -22.79
CA ARG E 120 20.23 -3.42 -24.26
C ARG E 120 19.67 -2.05 -24.66
N VAL E 121 18.76 -1.49 -23.85
CA VAL E 121 18.18 -0.15 -24.12
C VAL E 121 19.29 0.89 -23.99
N ALA E 122 20.13 0.79 -22.97
CA ALA E 122 21.27 1.70 -22.71
C ALA E 122 22.22 1.68 -23.92
N GLU E 123 22.47 0.52 -24.51
CA GLU E 123 23.37 0.37 -25.68
C GLU E 123 22.81 1.13 -26.90
N ASN E 124 21.49 1.32 -27.00
CA ASN E 124 20.83 1.86 -28.21
C ASN E 124 20.39 3.34 -28.03
N ILE E 125 20.05 3.80 -26.82
CA ILE E 125 19.57 5.22 -26.62
C ILE E 125 20.34 5.94 -25.49
N GLY E 126 21.16 5.23 -24.71
CA GLY E 126 22.18 5.86 -23.84
C GLY E 126 21.64 6.34 -22.51
N VAL E 127 20.46 5.89 -22.09
CA VAL E 127 19.98 5.99 -20.68
C VAL E 127 21.13 5.57 -19.76
N ARG E 128 21.30 6.30 -18.66
CA ARG E 128 22.49 6.21 -17.76
C ARG E 128 22.21 5.31 -16.55
N ALA E 129 20.96 5.13 -16.15
CA ALA E 129 20.60 4.41 -14.91
C ALA E 129 19.15 3.89 -14.97
N ILE E 130 18.92 2.77 -14.28
CA ILE E 130 17.57 2.28 -13.88
C ILE E 130 17.19 2.99 -12.59
N MET E 131 16.01 3.62 -12.55
CA MET E 131 15.45 4.24 -11.33
C MET E 131 14.27 3.40 -10.84
N VAL E 132 14.16 3.23 -9.52
CA VAL E 132 13.03 2.52 -8.87
C VAL E 132 12.48 3.41 -7.75
N HIS E 133 11.16 3.60 -7.71
CA HIS E 133 10.42 4.17 -6.56
C HIS E 133 9.66 3.04 -5.87
N ALA E 134 10.23 2.47 -4.80
CA ALA E 134 9.60 1.43 -3.96
C ALA E 134 8.44 2.04 -3.16
N LEU E 135 7.35 1.27 -3.00
CA LEU E 135 6.10 1.66 -2.29
C LEU E 135 6.26 1.38 -0.79
N THR E 136 6.65 0.16 -0.43
CA THR E 136 6.99 -0.28 0.94
C THR E 136 8.50 -0.24 1.08
N GLU E 137 9.01 -0.27 2.31
CA GLU E 137 10.47 -0.31 2.60
C GLU E 137 10.97 -1.75 2.45
N GLU E 138 10.07 -2.74 2.43
CA GLU E 138 10.40 -4.17 2.19
C GLU E 138 10.69 -4.37 0.70
N ALA E 139 9.99 -3.64 -0.17
CA ALA E 139 10.21 -3.61 -1.64
C ALA E 139 11.59 -3.03 -1.93
N LYS E 140 11.92 -1.89 -1.30
CA LYS E 140 13.25 -1.24 -1.38
C LYS E 140 14.36 -2.28 -1.14
N ASN E 141 14.24 -3.10 -0.10
CA ASN E 141 15.33 -4.01 0.33
C ASN E 141 15.40 -5.22 -0.60
N PHE E 142 14.36 -5.49 -1.39
CA PHE E 142 14.37 -6.54 -2.46
C PHE E 142 15.41 -6.14 -3.53
N PHE E 143 15.42 -4.85 -3.89
CA PHE E 143 16.30 -4.27 -4.93
C PHE E 143 17.72 -4.14 -4.37
N ILE E 144 17.86 -3.62 -3.14
CA ILE E 144 19.17 -3.49 -2.45
C ILE E 144 19.85 -4.88 -2.42
N HIS E 145 19.08 -5.93 -2.10
CA HIS E 145 19.57 -7.32 -1.99
C HIS E 145 20.14 -7.80 -3.33
N HIS E 146 19.74 -7.18 -4.44
CA HIS E 146 20.12 -7.60 -5.82
C HIS E 146 21.01 -6.54 -6.48
N GLY E 147 21.59 -5.64 -5.71
CA GLY E 147 22.72 -4.80 -6.15
C GLY E 147 22.33 -3.37 -6.45
N PHE E 148 21.06 -3.00 -6.30
CA PHE E 148 20.60 -1.59 -6.46
C PHE E 148 21.19 -0.77 -5.31
N LYS E 149 21.49 0.49 -5.55
CA LYS E 149 21.96 1.46 -4.52
C LYS E 149 20.74 2.23 -4.01
N SER E 150 20.57 2.32 -2.69
CA SER E 150 19.52 3.12 -2.01
C SER E 150 19.96 4.58 -1.95
N SER E 151 19.19 5.49 -2.56
CA SER E 151 19.35 6.95 -2.37
C SER E 151 19.32 7.27 -0.87
N GLN E 152 20.31 8.06 -0.41
CA GLN E 152 20.48 8.44 1.02
C GLN E 152 19.97 9.88 1.21
N THR E 153 19.56 10.56 0.13
CA THR E 153 18.92 11.90 0.16
C THR E 153 17.42 11.77 -0.02
N GLN E 154 16.93 10.61 -0.46
CA GLN E 154 15.55 10.40 -0.99
C GLN E 154 15.02 9.06 -0.45
N GLN E 155 13.73 9.03 -0.12
CA GLN E 155 13.13 7.87 0.57
C GLN E 155 12.66 6.86 -0.48
N ARG E 156 13.05 5.59 -0.35
CA ARG E 156 12.55 4.47 -1.20
C ARG E 156 12.82 4.73 -2.69
N THR E 157 13.82 5.54 -3.02
CA THR E 157 14.34 5.72 -4.40
C THR E 157 15.63 4.92 -4.52
N LEU E 158 15.75 4.07 -5.54
CA LEU E 158 16.98 3.28 -5.80
C LEU E 158 17.44 3.52 -7.23
N PHE E 159 18.74 3.30 -7.47
CA PHE E 159 19.42 3.50 -8.76
C PHE E 159 20.26 2.26 -9.06
N LEU E 160 20.37 1.95 -10.35
CA LEU E 160 21.39 1.03 -10.89
C LEU E 160 22.03 1.69 -12.10
N ARG E 161 23.33 1.96 -12.01
CA ARG E 161 24.10 2.59 -13.12
C ARG E 161 24.09 1.60 -14.29
N LEU E 162 23.91 2.15 -15.49
CA LEU E 162 23.92 1.36 -16.75
C LEU E 162 25.23 1.65 -17.48
N PRO E 163 25.83 0.63 -18.12
CA PRO E 163 27.08 0.85 -18.85
C PRO E 163 26.98 1.87 -20.00
N GLN E 164 27.97 2.77 -20.12
CA GLN E 164 28.18 3.72 -21.26
C GLN E 164 27.03 4.75 -21.36
N ARG F 6 60.60 -7.58 8.94
CA ARG F 6 60.16 -6.15 9.10
C ARG F 6 61.04 -5.31 8.16
N VAL F 7 60.45 -4.39 7.40
CA VAL F 7 61.15 -3.44 6.49
C VAL F 7 60.57 -2.04 6.70
N THR F 8 61.26 -1.02 6.18
CA THR F 8 60.83 0.39 6.23
C THR F 8 59.84 0.66 5.08
N ALA F 9 58.96 1.65 5.25
CA ALA F 9 57.97 2.08 4.24
C ALA F 9 58.70 2.59 3.00
N PRO F 10 58.14 2.41 1.78
CA PRO F 10 58.79 2.84 0.56
C PRO F 10 59.18 4.32 0.60
N GLU F 11 60.38 4.63 0.13
CA GLU F 11 60.89 6.02 0.06
C GLU F 11 61.62 6.17 -1.27
N PRO F 12 61.72 7.40 -1.81
CA PRO F 12 62.42 7.64 -3.07
C PRO F 12 63.88 7.25 -2.96
N LEU F 13 64.42 6.56 -3.98
CA LEU F 13 65.85 6.18 -4.06
C LEU F 13 66.68 7.45 -3.86
N SER F 14 67.64 7.40 -2.93
CA SER F 14 68.65 8.47 -2.69
C SER F 14 70.05 7.86 -2.71
N ALA F 15 71.07 8.72 -2.80
CA ALA F 15 72.50 8.36 -2.76
C ALA F 15 72.86 7.67 -1.42
N PHE F 16 72.07 7.87 -0.37
CA PHE F 16 72.29 7.32 1.00
C PHE F 16 71.85 5.86 1.08
N HIS F 17 71.11 5.35 0.09
CA HIS F 17 70.66 3.94 0.06
C HIS F 17 71.82 3.07 -0.41
N GLN F 18 72.04 1.95 0.27
CA GLN F 18 73.11 0.97 -0.07
C GLN F 18 72.53 -0.07 -1.04
N VAL F 19 73.10 -0.12 -2.25
CA VAL F 19 72.52 -0.79 -3.44
C VAL F 19 73.45 -1.93 -3.92
N ALA F 20 74.69 -1.98 -3.39
CA ALA F 20 75.81 -2.76 -3.96
C ALA F 20 75.51 -4.25 -3.85
N GLU F 21 74.93 -4.68 -2.73
CA GLU F 21 74.70 -6.11 -2.37
C GLU F 21 73.26 -6.53 -2.70
N PHE F 22 72.57 -5.84 -3.63
CA PHE F 22 71.18 -6.19 -4.02
C PHE F 22 71.22 -7.27 -5.09
N VAL F 23 70.57 -8.42 -4.84
CA VAL F 23 70.47 -9.56 -5.80
C VAL F 23 69.02 -10.04 -5.83
N SER F 24 68.35 -9.97 -6.97
CA SER F 24 66.91 -10.31 -7.15
C SER F 24 66.77 -11.70 -7.79
N GLY F 25 67.73 -12.09 -8.63
CA GLY F 25 67.63 -13.29 -9.46
C GLY F 25 67.67 -12.91 -10.92
N GLU F 26 67.17 -11.71 -11.23
CA GLU F 26 67.27 -11.09 -12.58
C GLU F 26 68.35 -10.02 -12.53
N ALA F 27 69.47 -10.27 -13.21
CA ALA F 27 70.72 -9.46 -13.12
C ALA F 27 70.51 -8.11 -13.81
N VAL F 28 69.69 -8.06 -14.86
CA VAL F 28 69.42 -6.81 -15.66
C VAL F 28 68.75 -5.77 -14.74
N LEU F 29 67.83 -6.19 -13.88
CA LEU F 29 67.13 -5.30 -12.91
C LEU F 29 68.13 -4.83 -11.85
N ASP F 30 68.90 -5.75 -11.27
CA ASP F 30 69.91 -5.49 -10.21
C ASP F 30 70.95 -4.50 -10.74
N ASP F 31 71.38 -4.66 -12.00
CA ASP F 31 72.40 -3.80 -12.65
C ASP F 31 71.81 -2.41 -12.90
N TRP F 32 70.57 -2.32 -13.38
CA TRP F 32 69.87 -1.01 -13.61
C TRP F 32 69.87 -0.23 -12.29
N LEU F 33 69.46 -0.87 -11.20
CA LEU F 33 69.36 -0.22 -9.87
C LEU F 33 70.72 0.40 -9.50
N LYS F 34 71.79 -0.39 -9.59
CA LYS F 34 73.15 -0.02 -9.11
C LYS F 34 73.78 1.05 -10.02
N GLN F 35 73.47 1.02 -11.32
CA GLN F 35 74.24 1.76 -12.36
C GLN F 35 73.42 2.89 -12.99
N LYS F 36 72.08 2.86 -12.91
CA LYS F 36 71.21 3.86 -13.60
C LYS F 36 70.16 4.46 -12.66
N GLY F 37 69.92 3.84 -11.51
CA GLY F 37 68.86 4.26 -10.56
C GLY F 37 68.92 5.74 -10.26
N LEU F 38 70.04 6.18 -9.68
CA LEU F 38 70.26 7.56 -9.20
C LEU F 38 70.22 8.54 -10.38
N LYS F 39 70.85 8.19 -11.50
CA LYS F 39 70.98 9.09 -12.67
C LYS F 39 69.57 9.44 -13.15
N ASN F 40 68.73 8.43 -13.32
CA ASN F 40 67.33 8.57 -13.82
C ASN F 40 66.49 9.31 -12.77
N GLN F 41 66.77 9.04 -11.49
CA GLN F 41 66.10 9.75 -10.37
C GLN F 41 66.33 11.25 -10.51
N ALA F 42 67.57 11.67 -10.78
CA ALA F 42 68.00 13.08 -10.89
C ALA F 42 67.47 13.69 -12.18
N LEU F 43 67.53 12.97 -13.31
CA LEU F 43 66.95 13.41 -14.61
C LEU F 43 65.41 13.50 -14.52
N GLY F 44 64.81 12.71 -13.63
CA GLY F 44 63.34 12.59 -13.52
C GLY F 44 62.75 11.70 -14.60
N ALA F 45 63.58 10.95 -15.33
CA ALA F 45 63.16 10.05 -16.42
C ALA F 45 62.42 8.85 -15.83
N ALA F 46 62.69 8.54 -14.56
CA ALA F 46 62.05 7.47 -13.80
C ALA F 46 62.06 7.84 -12.32
N ARG F 47 61.09 7.36 -11.56
CA ARG F 47 61.10 7.54 -10.09
C ARG F 47 61.11 6.16 -9.43
N THR F 48 62.21 5.87 -8.72
CA THR F 48 62.45 4.59 -8.04
C THR F 48 62.10 4.75 -6.55
N PHE F 49 61.30 3.85 -6.03
CA PHE F 49 60.97 3.73 -4.59
C PHE F 49 61.63 2.45 -4.07
N VAL F 50 62.23 2.54 -2.89
CA VAL F 50 62.94 1.40 -2.24
C VAL F 50 62.30 1.14 -0.88
N VAL F 51 62.31 -0.12 -0.47
CA VAL F 51 62.15 -0.53 0.96
C VAL F 51 63.51 -1.04 1.42
N CYS F 52 63.85 -0.75 2.67
CA CYS F 52 65.13 -1.17 3.30
C CYS F 52 64.84 -2.13 4.45
N LYS F 53 65.83 -2.99 4.74
CA LYS F 53 65.91 -3.80 5.98
C LYS F 53 65.73 -2.85 7.16
N LYS F 54 64.92 -3.22 8.16
CA LYS F 54 64.49 -2.27 9.22
C LYS F 54 65.71 -1.72 9.94
N ASP F 55 65.69 -0.43 10.32
CA ASP F 55 66.77 0.27 11.06
C ASP F 55 68.03 0.42 10.18
N THR F 56 67.91 0.29 8.86
CA THR F 56 69.07 0.24 7.91
C THR F 56 68.77 1.05 6.64
N LYS F 57 69.76 1.15 5.73
CA LYS F 57 69.64 1.81 4.41
C LYS F 57 70.03 0.82 3.31
N GLN F 58 69.98 -0.49 3.59
CA GLN F 58 70.23 -1.54 2.57
C GLN F 58 68.90 -1.87 1.90
N VAL F 59 68.86 -1.90 0.57
CA VAL F 59 67.61 -2.02 -0.23
C VAL F 59 67.19 -3.49 -0.28
N ALA F 60 66.01 -3.81 0.24
CA ALA F 60 65.39 -5.16 0.26
C ALA F 60 64.56 -5.39 -1.00
N GLY F 61 63.95 -4.30 -1.52
CA GLY F 61 63.11 -4.32 -2.73
C GLY F 61 62.89 -2.93 -3.27
N PHE F 62 62.49 -2.83 -4.54
CA PHE F 62 62.26 -1.52 -5.22
C PHE F 62 61.33 -1.71 -6.41
N TYR F 63 60.74 -0.60 -6.88
CA TYR F 63 60.05 -0.47 -8.19
C TYR F 63 60.33 0.92 -8.77
N SER F 64 60.19 1.05 -10.08
CA SER F 64 60.42 2.29 -10.87
C SER F 64 59.17 2.63 -11.66
N LEU F 65 58.63 3.83 -11.45
CA LEU F 65 57.53 4.40 -12.28
C LEU F 65 58.14 5.40 -13.27
N ALA F 66 57.63 5.38 -14.50
CA ALA F 66 58.06 6.29 -15.58
C ALA F 66 56.83 6.70 -16.40
N THR F 67 56.89 7.86 -17.04
CA THR F 67 55.84 8.36 -17.96
C THR F 67 56.13 7.78 -19.34
N GLY F 68 55.09 7.35 -20.03
CA GLY F 68 55.15 6.87 -21.43
C GLY F 68 53.91 7.28 -22.18
N SER F 69 53.82 6.93 -23.46
CA SER F 69 52.67 7.24 -24.34
C SER F 69 52.47 6.12 -25.35
N VAL F 70 51.22 5.83 -25.71
CA VAL F 70 50.82 4.79 -26.70
C VAL F 70 50.29 5.50 -27.94
N ASN F 71 50.74 5.08 -29.13
CA ASN F 71 50.42 5.68 -30.46
C ASN F 71 49.80 4.63 -31.38
N HIS F 72 49.15 5.08 -32.45
CA HIS F 72 48.45 4.24 -33.47
C HIS F 72 49.23 4.27 -34.80
N THR F 73 49.46 3.10 -35.38
CA THR F 73 50.01 2.90 -36.75
C THR F 73 51.52 3.18 -36.71
N PRO F 84 46.08 9.93 -34.95
CA PRO F 84 45.65 10.36 -33.62
C PRO F 84 46.88 10.78 -32.80
N ASP F 85 46.65 11.51 -31.70
CA ASP F 85 47.72 12.00 -30.78
C ASP F 85 47.86 11.04 -29.59
N PRO F 86 49.10 10.87 -29.05
CA PRO F 86 49.40 9.76 -28.16
C PRO F 86 48.62 9.78 -26.83
N ILE F 87 48.35 8.58 -26.30
CA ILE F 87 47.67 8.37 -24.99
C ILE F 87 48.70 8.14 -23.91
N PRO F 88 48.80 9.04 -22.90
CA PRO F 88 49.74 8.87 -21.81
C PRO F 88 49.39 7.66 -20.94
N VAL F 89 50.43 6.98 -20.46
CA VAL F 89 50.35 5.79 -19.56
C VAL F 89 51.46 5.96 -18.53
N ILE F 90 51.33 5.28 -17.39
CA ILE F 90 52.47 5.06 -16.47
C ILE F 90 53.13 3.74 -16.88
N ILE F 91 54.45 3.72 -16.92
CA ILE F 91 55.24 2.48 -17.12
C ILE F 91 55.75 2.06 -15.75
N LEU F 92 55.26 0.93 -15.25
CA LEU F 92 55.94 0.16 -14.17
C LEU F 92 57.10 -0.57 -14.84
N ALA F 93 58.26 0.10 -14.89
CA ALA F 93 59.44 -0.31 -15.67
C ALA F 93 60.11 -1.52 -14.99
N ARG F 94 60.09 -1.55 -13.66
CA ARG F 94 60.86 -2.50 -12.84
C ARG F 94 60.15 -2.74 -11.51
N LEU F 95 60.22 -3.98 -11.04
CA LEU F 95 59.87 -4.36 -9.66
C LEU F 95 60.72 -5.58 -9.30
N ALA F 96 61.45 -5.50 -8.19
CA ALA F 96 62.35 -6.57 -7.74
C ALA F 96 62.35 -6.64 -6.22
N VAL F 97 62.45 -7.86 -5.69
CA VAL F 97 62.73 -8.15 -4.26
C VAL F 97 64.07 -8.89 -4.20
N ASP F 98 64.90 -8.60 -3.20
CA ASP F 98 66.17 -9.32 -2.97
C ASP F 98 65.86 -10.78 -2.64
N LEU F 99 66.65 -11.72 -3.15
CA LEU F 99 66.46 -13.20 -2.95
C LEU F 99 66.31 -13.54 -1.47
N SER F 100 67.01 -12.81 -0.59
CA SER F 100 66.93 -12.97 0.88
C SER F 100 65.50 -12.71 1.38
N PHE F 101 64.67 -12.00 0.62
CA PHE F 101 63.32 -11.52 1.04
C PHE F 101 62.21 -12.11 0.18
N HIS F 102 62.54 -12.99 -0.79
CA HIS F 102 61.56 -13.71 -1.65
C HIS F 102 60.55 -14.48 -0.78
N GLY F 103 59.31 -14.62 -1.26
CA GLY F 103 58.24 -15.40 -0.61
C GLY F 103 57.90 -14.90 0.79
N LYS F 104 58.12 -13.61 1.08
CA LYS F 104 57.70 -12.97 2.37
C LYS F 104 56.50 -12.05 2.14
N GLY F 105 55.91 -12.08 0.93
CA GLY F 105 54.78 -11.22 0.53
C GLY F 105 55.20 -9.78 0.26
N LEU F 106 56.51 -9.51 0.12
CA LEU F 106 57.05 -8.15 -0.09
C LEU F 106 56.79 -7.71 -1.54
N GLY F 107 56.90 -8.63 -2.50
CA GLY F 107 56.65 -8.36 -3.94
C GLY F 107 55.26 -7.82 -4.18
N ALA F 108 54.26 -8.40 -3.53
CA ALA F 108 52.83 -8.00 -3.62
C ALA F 108 52.62 -6.69 -2.85
N ASP F 109 53.35 -6.49 -1.75
CA ASP F 109 53.32 -5.24 -0.95
C ASP F 109 53.84 -4.07 -1.79
N LEU F 110 54.92 -4.28 -2.55
CA LEU F 110 55.48 -3.26 -3.47
C LEU F 110 54.49 -2.99 -4.60
N LEU F 111 53.89 -4.04 -5.17
CA LEU F 111 52.90 -3.87 -6.27
C LEU F 111 51.68 -3.10 -5.75
N HIS F 112 51.24 -3.39 -4.54
CA HIS F 112 50.17 -2.65 -3.83
C HIS F 112 50.51 -1.16 -3.81
N ASP F 113 51.69 -0.82 -3.31
CA ASP F 113 52.18 0.58 -3.17
C ASP F 113 52.23 1.24 -4.55
N ALA F 114 52.83 0.55 -5.53
CA ALA F 114 53.07 1.03 -6.91
C ALA F 114 51.72 1.41 -7.54
N VAL F 115 50.73 0.53 -7.41
CA VAL F 115 49.41 0.69 -8.09
C VAL F 115 48.64 1.83 -7.41
N LEU F 116 48.64 1.91 -6.08
CA LEU F 116 47.98 3.03 -5.35
C LEU F 116 48.60 4.34 -5.82
N ARG F 117 49.93 4.38 -5.94
CA ARG F 117 50.69 5.59 -6.35
C ARG F 117 50.23 6.00 -7.76
N CYS F 118 50.09 5.04 -8.67
CA CYS F 118 49.59 5.25 -10.06
C CYS F 118 48.12 5.73 -10.04
N TYR F 119 47.33 5.34 -9.04
CA TYR F 119 45.94 5.81 -8.87
C TYR F 119 45.97 7.32 -8.55
N ARG F 120 46.85 7.74 -7.66
CA ARG F 120 47.01 9.17 -7.28
C ARG F 120 47.51 9.98 -8.46
N VAL F 121 48.41 9.42 -9.27
CA VAL F 121 48.96 10.11 -10.46
C VAL F 121 47.84 10.29 -11.47
N ALA F 122 47.02 9.26 -11.68
CA ALA F 122 45.86 9.28 -12.61
C ALA F 122 44.89 10.40 -12.22
N GLU F 123 44.64 10.58 -10.92
CA GLU F 123 43.72 11.63 -10.39
C GLU F 123 44.24 13.03 -10.74
N ASN F 124 45.56 13.21 -10.90
CA ASN F 124 46.17 14.55 -11.04
C ASN F 124 46.58 14.86 -12.49
N ILE F 125 46.98 13.88 -13.32
CA ILE F 125 47.42 14.15 -14.73
C ILE F 125 46.69 13.28 -15.76
N GLY F 126 45.89 12.29 -15.32
CA GLY F 126 44.92 11.62 -16.20
C GLY F 126 45.52 10.52 -17.06
N VAL F 127 46.72 10.02 -16.74
CA VAL F 127 47.21 8.71 -17.28
C VAL F 127 46.08 7.68 -17.18
N ARG F 128 45.92 6.86 -18.22
CA ARG F 128 44.74 5.98 -18.41
C ARG F 128 45.04 4.54 -17.95
N ALA F 129 46.30 4.12 -17.91
CA ALA F 129 46.70 2.74 -17.64
C ALA F 129 48.13 2.65 -17.14
N ILE F 130 48.38 1.64 -16.31
CA ILE F 130 49.76 1.13 -16.01
C ILE F 130 50.13 0.15 -17.11
N MET F 131 51.29 0.33 -17.75
CA MET F 131 51.85 -0.61 -18.74
C MET F 131 53.02 -1.34 -18.11
N VAL F 132 53.13 -2.65 -18.35
CA VAL F 132 54.26 -3.49 -17.89
C VAL F 132 54.81 -4.28 -19.07
N HIS F 133 56.13 -4.26 -19.26
CA HIS F 133 56.88 -5.14 -20.20
C HIS F 133 57.64 -6.18 -19.38
N ALA F 134 57.06 -7.37 -19.20
CA ALA F 134 57.69 -8.52 -18.50
C ALA F 134 58.85 -9.08 -19.34
N LEU F 135 59.95 -9.47 -18.68
CA LEU F 135 61.18 -9.98 -19.34
C LEU F 135 61.09 -11.50 -19.52
N THR F 136 60.75 -12.21 -18.45
CA THR F 136 60.46 -13.68 -18.43
C THR F 136 58.94 -13.85 -18.47
N GLU F 137 58.47 -15.06 -18.77
CA GLU F 137 57.03 -15.43 -18.76
C GLU F 137 56.58 -15.69 -17.30
N GLU F 138 57.53 -15.91 -16.38
CA GLU F 138 57.23 -16.08 -14.93
C GLU F 138 56.92 -14.72 -14.31
N ALA F 139 57.58 -13.65 -14.80
CA ALA F 139 57.33 -12.25 -14.40
C ALA F 139 55.92 -11.84 -14.83
N LYS F 140 55.58 -12.14 -16.09
CA LYS F 140 54.23 -11.91 -16.68
C LYS F 140 53.15 -12.46 -15.75
N ASN F 141 53.31 -13.69 -15.25
CA ASN F 141 52.25 -14.40 -14.48
C ASN F 141 52.16 -13.83 -13.08
N PHE F 142 53.19 -13.12 -12.60
CA PHE F 142 53.15 -12.41 -11.29
C PHE F 142 52.11 -11.28 -11.35
N PHE F 143 52.08 -10.57 -12.48
CA PHE F 143 51.19 -9.42 -12.72
C PHE F 143 49.77 -9.92 -13.03
N ILE F 144 49.65 -10.96 -13.87
CA ILE F 144 48.34 -11.59 -14.19
C ILE F 144 47.69 -12.04 -12.88
N HIS F 145 48.46 -12.64 -11.97
CA HIS F 145 47.97 -13.16 -10.66
C HIS F 145 47.39 -12.02 -9.81
N HIS F 146 47.77 -10.77 -10.08
CA HIS F 146 47.38 -9.59 -9.29
C HIS F 146 46.45 -8.66 -10.08
N GLY F 147 45.88 -9.15 -11.18
CA GLY F 147 44.73 -8.50 -11.84
C GLY F 147 45.14 -7.73 -13.10
N PHE F 148 46.41 -7.75 -13.47
CA PHE F 148 46.88 -7.16 -14.75
C PHE F 148 46.33 -8.03 -15.88
N LYS F 149 46.01 -7.41 -17.02
CA LYS F 149 45.48 -8.08 -18.23
C LYS F 149 46.64 -8.30 -19.18
N SER F 150 46.78 -9.54 -19.68
CA SER F 150 47.82 -9.94 -20.66
C SER F 150 47.39 -9.54 -22.06
N SER F 151 48.15 -8.65 -22.71
CA SER F 151 47.96 -8.32 -24.14
C SER F 151 48.07 -9.61 -24.96
N GLN F 152 47.15 -9.84 -25.87
CA GLN F 152 47.13 -11.02 -26.78
C GLN F 152 47.58 -10.58 -28.18
N THR F 153 47.86 -9.28 -28.37
CA THR F 153 48.39 -8.68 -29.62
C THR F 153 49.90 -8.43 -29.48
N GLN F 154 50.42 -8.44 -28.25
CA GLN F 154 51.85 -8.22 -27.94
C GLN F 154 52.29 -9.22 -26.87
N GLN F 155 53.54 -9.66 -26.94
CA GLN F 155 54.09 -10.71 -26.04
C GLN F 155 54.60 -10.04 -24.76
N ARG F 156 54.21 -10.57 -23.60
CA ARG F 156 54.73 -10.14 -22.27
C ARG F 156 54.49 -8.65 -22.04
N THR F 157 53.47 -8.06 -22.66
CA THR F 157 52.96 -6.72 -22.37
C THR F 157 51.66 -6.89 -21.56
N LEU F 158 51.57 -6.20 -20.41
CA LEU F 158 50.35 -6.20 -19.57
C LEU F 158 49.87 -4.77 -19.36
N PHE F 159 48.58 -4.64 -19.04
CA PHE F 159 47.89 -3.36 -18.80
C PHE F 159 47.10 -3.48 -17.50
N LEU F 160 46.98 -2.36 -16.79
CA LEU F 160 45.96 -2.16 -15.73
C LEU F 160 45.31 -0.80 -15.99
N ARG F 161 44.02 -0.81 -16.28
CA ARG F 161 43.21 0.42 -16.48
C ARG F 161 43.22 1.21 -15.16
N LEU F 162 43.41 2.53 -15.26
CA LEU F 162 43.39 3.45 -14.12
C LEU F 162 42.07 4.22 -14.14
N PRO F 163 41.48 4.52 -12.97
CA PRO F 163 40.26 5.32 -12.90
C PRO F 163 40.38 6.71 -13.55
N GLN F 164 39.34 7.13 -14.28
CA GLN F 164 39.08 8.50 -14.81
C GLN F 164 39.56 8.51 -16.27
N SER G 2 -12.15 44.84 1.77
CA SER G 2 -11.13 44.32 0.81
C SER G 2 -11.60 44.41 -0.64
N PHE G 3 -12.70 43.75 -1.01
CA PHE G 3 -13.09 43.53 -2.43
C PHE G 3 -14.39 44.28 -2.75
N ASN G 4 -14.38 45.00 -3.88
CA ASN G 4 -15.54 45.73 -4.44
C ASN G 4 -16.03 44.98 -5.68
N PHE G 5 -17.27 44.51 -5.62
CA PHE G 5 -17.97 43.76 -6.69
C PHE G 5 -18.95 44.71 -7.37
N ASN G 6 -19.00 44.67 -8.70
CA ASN G 6 -20.05 45.35 -9.50
C ASN G 6 -21.35 44.56 -9.33
N ASP G 7 -22.45 45.05 -9.90
CA ASP G 7 -23.83 44.56 -9.63
C ASP G 7 -23.97 43.08 -10.02
N GLU G 8 -23.30 42.66 -11.09
CA GLU G 8 -23.34 41.31 -11.72
C GLU G 8 -22.44 40.33 -10.93
N GLN G 9 -21.30 40.85 -10.46
CA GLN G 9 -20.33 40.12 -9.61
C GLN G 9 -21.01 39.82 -8.25
N TYR G 10 -21.59 40.86 -7.64
CA TYR G 10 -22.28 40.80 -6.34
C TYR G 10 -23.46 39.83 -6.43
N GLU G 11 -24.21 39.89 -7.54
CA GLU G 11 -25.44 39.10 -7.77
C GLU G 11 -25.06 37.62 -7.88
N GLU G 12 -24.07 37.30 -8.74
CA GLU G 12 -23.55 35.92 -8.92
C GLU G 12 -23.19 35.33 -7.55
N PHE G 13 -22.49 36.13 -6.75
CA PHE G 13 -21.96 35.75 -5.40
C PHE G 13 -23.14 35.48 -4.46
N ILE G 14 -24.04 36.45 -4.32
CA ILE G 14 -25.22 36.34 -3.41
C ILE G 14 -26.09 35.15 -3.84
N ASN G 15 -26.21 34.86 -5.13
CA ASN G 15 -27.02 33.72 -5.63
C ASN G 15 -26.34 32.40 -5.27
N LEU G 16 -25.01 32.40 -5.16
CA LEU G 16 -24.22 31.20 -4.75
C LEU G 16 -24.47 30.94 -3.26
N LEU G 17 -24.50 32.00 -2.45
CA LEU G 17 -24.70 31.90 -0.97
C LEU G 17 -26.11 31.41 -0.69
N ASP G 18 -27.12 32.09 -1.24
CA ASP G 18 -28.57 31.82 -1.03
C ASP G 18 -29.06 30.67 -1.91
N ALA G 19 -28.18 30.01 -2.68
CA ALA G 19 -28.53 28.85 -3.55
C ALA G 19 -29.12 27.73 -2.69
N PRO G 20 -30.07 26.94 -3.22
CA PRO G 20 -30.62 25.78 -2.50
C PRO G 20 -29.51 24.88 -1.96
N VAL G 21 -29.67 24.37 -0.73
CA VAL G 21 -28.78 23.32 -0.14
C VAL G 21 -28.87 22.07 -1.03
N ALA G 22 -27.74 21.40 -1.27
CA ALA G 22 -27.66 20.16 -2.06
C ALA G 22 -28.40 19.05 -1.31
N ASP G 23 -28.79 17.99 -2.02
CA ASP G 23 -29.52 16.83 -1.44
C ASP G 23 -28.51 15.70 -1.19
N ASP G 24 -28.79 14.82 -0.22
CA ASP G 24 -28.13 13.49 -0.06
C ASP G 24 -28.07 12.79 -1.43
N PRO G 25 -26.94 12.15 -1.78
CA PRO G 25 -26.81 11.46 -3.08
C PRO G 25 -27.90 10.42 -3.38
N VAL G 26 -28.36 9.67 -2.36
CA VAL G 26 -29.44 8.65 -2.51
C VAL G 26 -30.71 9.41 -2.93
N ILE G 27 -31.07 10.46 -2.18
CA ILE G 27 -32.29 11.28 -2.39
C ILE G 27 -32.23 11.93 -3.78
N GLU G 28 -31.04 12.34 -4.20
CA GLU G 28 -30.81 12.99 -5.52
C GLU G 28 -31.15 11.99 -6.64
N LYS G 29 -30.78 10.72 -6.45
CA LYS G 29 -31.08 9.61 -7.40
C LYS G 29 -32.60 9.45 -7.52
N LEU G 30 -33.29 9.47 -6.37
CA LEU G 30 -34.78 9.34 -6.29
C LEU G 30 -35.45 10.48 -7.07
N LEU G 31 -34.95 11.71 -6.93
CA LEU G 31 -35.52 12.92 -7.59
C LEU G 31 -35.25 12.86 -9.09
N ALA G 32 -34.16 12.21 -9.52
CA ALA G 32 -33.72 12.13 -10.94
C ALA G 32 -34.41 10.96 -11.64
N ARG G 33 -34.95 10.01 -10.87
CA ARG G 33 -35.63 8.79 -11.39
C ARG G 33 -36.63 9.16 -12.48
N LYS G 34 -36.60 8.47 -13.61
CA LYS G 34 -37.61 8.59 -14.71
C LYS G 34 -38.64 7.49 -14.57
N PRO G 35 -39.90 7.82 -14.20
CA PRO G 35 -40.88 6.83 -13.75
C PRO G 35 -41.56 6.10 -14.92
N GLN G 36 -42.23 4.98 -14.64
CA GLN G 36 -42.69 4.03 -15.70
C GLN G 36 -43.97 4.53 -16.37
N TRP G 37 -44.43 5.77 -16.10
CA TRP G 37 -45.66 6.33 -16.73
C TRP G 37 -45.30 7.35 -17.82
N ASP G 38 -44.05 7.82 -17.88
CA ASP G 38 -43.64 8.77 -18.95
C ASP G 38 -42.92 7.99 -20.05
N VAL G 39 -42.92 6.65 -19.94
CA VAL G 39 -42.58 5.70 -21.04
C VAL G 39 -43.56 5.92 -22.20
N GLY H 1 -52.79 14.59 12.19
CA GLY H 1 -51.74 15.60 12.49
C GLY H 1 -51.60 15.81 13.99
N SER H 2 -50.91 16.88 14.40
CA SER H 2 -50.72 17.29 15.81
C SER H 2 -50.01 16.19 16.62
N PHE H 3 -48.93 15.62 16.08
CA PHE H 3 -48.05 14.66 16.81
C PHE H 3 -47.23 15.39 17.88
N ASN H 4 -47.14 14.82 19.08
CA ASN H 4 -46.50 15.43 20.27
C ASN H 4 -45.21 14.69 20.63
N PHE H 5 -44.09 15.43 20.65
CA PHE H 5 -42.71 14.92 20.83
C PHE H 5 -42.22 15.27 22.24
N ASN H 6 -41.58 14.31 22.92
CA ASN H 6 -40.85 14.54 24.18
C ASN H 6 -39.55 15.29 23.85
N ASP H 7 -38.77 15.65 24.87
CA ASP H 7 -37.61 16.58 24.78
C ASP H 7 -36.57 16.03 23.80
N GLU H 8 -36.34 14.71 23.79
CA GLU H 8 -35.27 14.09 22.97
C GLU H 8 -35.81 13.72 21.59
N GLN H 9 -37.12 13.49 21.45
CA GLN H 9 -37.79 13.34 20.13
C GLN H 9 -37.72 14.68 19.39
N TYR H 10 -38.12 15.76 20.06
CA TYR H 10 -38.12 17.13 19.52
C TYR H 10 -36.69 17.57 19.14
N GLU H 11 -35.74 17.22 19.99
CA GLU H 11 -34.31 17.58 19.81
C GLU H 11 -33.72 16.83 18.61
N GLU H 12 -33.92 15.52 18.54
CA GLU H 12 -33.52 14.64 17.41
C GLU H 12 -34.05 15.23 16.11
N PHE H 13 -35.30 15.68 16.11
CA PHE H 13 -36.02 16.26 14.93
C PHE H 13 -35.35 17.57 14.54
N ILE H 14 -35.22 18.51 15.48
CA ILE H 14 -34.56 19.84 15.27
C ILE H 14 -33.13 19.62 14.72
N ASN H 15 -32.41 18.62 15.23
CA ASN H 15 -31.01 18.33 14.82
C ASN H 15 -31.02 17.79 13.38
N LEU H 16 -32.08 17.10 12.96
CA LEU H 16 -32.24 16.56 11.59
C LEU H 16 -32.49 17.72 10.61
N LEU H 17 -33.29 18.71 11.02
CA LEU H 17 -33.62 19.89 10.18
C LEU H 17 -32.35 20.74 10.01
N ASP H 18 -31.72 21.14 11.12
CA ASP H 18 -30.52 22.02 11.17
C ASP H 18 -29.22 21.21 10.94
N ALA H 19 -29.31 19.95 10.54
CA ALA H 19 -28.17 19.00 10.45
C ALA H 19 -27.11 19.56 9.51
N PRO H 20 -25.81 19.27 9.73
CA PRO H 20 -24.75 19.66 8.81
C PRO H 20 -25.20 19.46 7.36
N VAL H 21 -25.30 20.56 6.63
CA VAL H 21 -25.82 20.58 5.23
C VAL H 21 -24.87 19.76 4.36
N ALA H 22 -25.42 19.06 3.36
CA ALA H 22 -24.65 18.25 2.39
C ALA H 22 -23.96 19.21 1.40
N ASP H 23 -23.07 18.69 0.56
CA ASP H 23 -22.39 19.44 -0.51
C ASP H 23 -22.11 18.52 -1.71
N ASP H 24 -21.69 19.11 -2.82
CA ASP H 24 -21.35 18.41 -4.09
C ASP H 24 -20.41 17.23 -3.81
N PRO H 25 -20.56 16.10 -4.51
CA PRO H 25 -19.72 14.92 -4.29
C PRO H 25 -18.20 15.14 -4.42
N VAL H 26 -17.75 16.04 -5.29
CA VAL H 26 -16.30 16.39 -5.43
C VAL H 26 -15.84 16.99 -4.09
N ILE H 27 -16.59 17.96 -3.56
CA ILE H 27 -16.33 18.63 -2.25
C ILE H 27 -16.37 17.57 -1.14
N GLU H 28 -17.30 16.62 -1.22
CA GLU H 28 -17.48 15.55 -0.19
C GLU H 28 -16.22 14.66 -0.21
N LYS H 29 -15.68 14.39 -1.40
CA LYS H 29 -14.44 13.58 -1.58
C LYS H 29 -13.28 14.32 -0.91
N LEU H 30 -13.18 15.62 -1.14
CA LEU H 30 -12.13 16.52 -0.57
C LEU H 30 -12.19 16.49 0.95
N LEU H 31 -13.39 16.55 1.55
CA LEU H 31 -13.57 16.58 3.02
C LEU H 31 -13.26 15.20 3.61
N ALA H 32 -13.45 14.13 2.84
CA ALA H 32 -13.29 12.72 3.26
C ALA H 32 -11.84 12.28 3.07
N ARG H 33 -11.09 13.02 2.25
CA ARG H 33 -9.67 12.71 1.89
C ARG H 33 -8.88 12.51 3.17
N LYS H 34 -8.12 11.41 3.28
CA LYS H 34 -7.26 11.13 4.45
C LYS H 34 -5.83 11.45 4.02
N PRO H 35 -5.22 12.52 4.59
CA PRO H 35 -3.92 12.99 4.12
C PRO H 35 -2.73 12.15 4.62
N GLN H 36 -1.55 12.37 4.04
CA GLN H 36 -0.35 11.50 4.18
C GLN H 36 0.29 11.63 5.58
N TRP H 37 -0.25 12.46 6.47
CA TRP H 37 0.25 12.67 7.85
C TRP H 37 -0.70 11.99 8.85
N ASP H 38 -1.88 11.58 8.39
CA ASP H 38 -2.91 10.89 9.23
C ASP H 38 -2.76 9.36 9.17
N VAL H 39 -1.79 8.80 8.44
CA VAL H 39 -1.42 7.34 8.36
C VAL H 39 -2.66 6.41 8.36
N GLY I 1 5.50 -4.83 35.89
CA GLY I 1 5.41 -6.32 35.97
C GLY I 1 3.97 -6.80 36.12
N SER I 2 3.45 -6.85 37.35
CA SER I 2 2.03 -7.17 37.66
C SER I 2 1.14 -6.02 37.19
N PHE I 3 0.13 -6.29 36.35
CA PHE I 3 -0.93 -5.31 35.96
C PHE I 3 -2.30 -5.77 36.45
N ASN I 4 -3.07 -4.85 37.03
CA ASN I 4 -4.38 -5.13 37.67
C ASN I 4 -5.48 -4.47 36.84
N PHE I 5 -6.41 -5.28 36.31
CA PHE I 5 -7.55 -4.84 35.44
C PHE I 5 -8.83 -4.85 36.27
N ASN I 6 -9.65 -3.81 36.12
CA ASN I 6 -11.03 -3.75 36.66
C ASN I 6 -11.92 -4.68 35.83
N ASP I 7 -13.19 -4.81 36.20
CA ASP I 7 -14.14 -5.83 35.66
C ASP I 7 -14.30 -5.67 34.14
N GLU I 8 -14.33 -4.44 33.63
CA GLU I 8 -14.60 -4.14 32.19
C GLU I 8 -13.29 -4.18 31.39
N GLN I 9 -12.15 -3.87 32.04
CA GLN I 9 -10.79 -4.02 31.45
C GLN I 9 -10.53 -5.51 31.23
N TYR I 10 -10.75 -6.31 32.28
CA TYR I 10 -10.56 -7.78 32.31
C TYR I 10 -11.47 -8.43 31.28
N GLU I 11 -12.72 -7.96 31.17
CA GLU I 11 -13.77 -8.51 30.26
C GLU I 11 -13.33 -8.27 28.81
N GLU I 12 -12.99 -7.01 28.48
CA GLU I 12 -12.51 -6.62 27.13
C GLU I 12 -11.36 -7.53 26.71
N PHE I 13 -10.43 -7.76 27.65
CA PHE I 13 -9.19 -8.55 27.45
C PHE I 13 -9.57 -10.02 27.19
N ILE I 14 -10.34 -10.62 28.10
CA ILE I 14 -10.79 -12.04 28.01
C ILE I 14 -11.54 -12.25 26.69
N ASN I 15 -12.35 -11.28 26.26
CA ASN I 15 -13.15 -11.38 25.01
C ASN I 15 -12.20 -11.34 23.81
N LEU I 16 -11.08 -10.64 23.92
CA LEU I 16 -10.06 -10.58 22.85
C LEU I 16 -9.33 -11.92 22.73
N LEU I 17 -9.04 -12.57 23.86
CA LEU I 17 -8.34 -13.88 23.91
C LEU I 17 -9.27 -14.95 23.31
N ASP I 18 -10.49 -15.08 23.84
CA ASP I 18 -11.47 -16.12 23.44
C ASP I 18 -12.25 -15.69 22.19
N ALA I 19 -11.90 -14.58 21.55
CA ALA I 19 -12.51 -14.08 20.30
C ALA I 19 -12.40 -15.13 19.20
N PRO I 20 -13.37 -15.21 18.27
CA PRO I 20 -13.26 -16.08 17.11
C PRO I 20 -11.92 -15.94 16.39
N VAL I 21 -11.33 -17.07 15.97
CA VAL I 21 -10.11 -17.13 15.14
C VAL I 21 -10.44 -16.55 13.75
N ALA I 22 -9.45 -16.05 13.04
CA ALA I 22 -9.53 -15.67 11.61
C ALA I 22 -9.61 -16.96 10.78
N ASP I 23 -10.11 -16.84 9.55
CA ASP I 23 -10.09 -17.89 8.49
C ASP I 23 -8.95 -17.56 7.52
N ASP I 24 -8.46 -18.54 6.74
CA ASP I 24 -7.62 -18.34 5.53
C ASP I 24 -8.23 -17.22 4.68
N PRO I 25 -7.43 -16.30 4.11
CA PRO I 25 -7.95 -15.28 3.18
C PRO I 25 -8.74 -15.82 1.98
N VAL I 26 -8.42 -17.00 1.45
CA VAL I 26 -9.24 -17.68 0.39
C VAL I 26 -10.64 -17.94 0.95
N ILE I 27 -10.70 -18.61 2.10
CA ILE I 27 -11.95 -19.00 2.81
C ILE I 27 -12.66 -17.72 3.24
N GLU I 28 -11.93 -16.69 3.63
CA GLU I 28 -12.50 -15.38 4.06
C GLU I 28 -13.17 -14.72 2.86
N LYS I 29 -12.63 -14.87 1.65
CA LYS I 29 -13.24 -14.36 0.39
C LYS I 29 -14.58 -15.07 0.18
N LEU I 30 -14.61 -16.39 0.36
CA LEU I 30 -15.84 -17.21 0.23
C LEU I 30 -16.91 -16.74 1.23
N LEU I 31 -16.53 -16.47 2.48
CA LEU I 31 -17.48 -16.03 3.55
C LEU I 31 -17.97 -14.61 3.27
N ALA I 32 -17.15 -13.79 2.60
CA ALA I 32 -17.40 -12.36 2.33
C ALA I 32 -18.19 -12.20 1.04
N ARG I 33 -18.19 -13.24 0.19
CA ARG I 33 -18.84 -13.26 -1.14
C ARG I 33 -20.29 -12.81 -0.99
N LYS I 34 -20.73 -11.87 -1.83
CA LYS I 34 -22.11 -11.33 -1.79
C LYS I 34 -22.86 -11.98 -2.94
N PRO I 35 -23.84 -12.88 -2.64
CA PRO I 35 -24.42 -13.75 -3.66
C PRO I 35 -25.48 -13.05 -4.50
N GLN I 36 -25.91 -13.68 -5.61
CA GLN I 36 -26.80 -13.09 -6.63
C GLN I 36 -28.25 -12.94 -6.14
N TRP I 37 -28.56 -13.33 -4.90
CA TRP I 37 -29.90 -13.17 -4.28
C TRP I 37 -29.88 -12.04 -3.25
N ASP I 38 -28.65 -11.63 -2.84
CA ASP I 38 -28.21 -10.46 -2.02
C ASP I 38 -28.56 -10.61 -0.53
N VAL I 39 -28.77 -11.85 -0.06
CA VAL I 39 -28.99 -12.22 1.38
C VAL I 39 -27.76 -13.02 1.81
N GLY J 1 -24.01 -42.49 7.10
CA GLY J 1 -22.87 -41.57 6.82
C GLY J 1 -21.73 -41.75 7.81
N SER J 2 -21.52 -42.97 8.33
CA SER J 2 -20.44 -43.31 9.30
C SER J 2 -19.26 -43.92 8.54
N PHE J 3 -18.08 -43.29 8.67
CA PHE J 3 -16.86 -43.58 7.86
C PHE J 3 -15.75 -44.10 8.79
N ASN J 4 -15.02 -45.12 8.30
CA ASN J 4 -13.89 -45.77 9.03
C ASN J 4 -12.57 -45.39 8.34
N PHE J 5 -11.69 -44.73 9.10
CA PHE J 5 -10.37 -44.23 8.67
C PHE J 5 -9.30 -45.16 9.24
N ASN J 6 -8.30 -45.51 8.41
CA ASN J 6 -7.07 -46.22 8.87
C ASN J 6 -6.22 -45.22 9.65
N ASP J 7 -5.09 -45.69 10.19
CA ASP J 7 -4.26 -44.95 11.18
C ASP J 7 -3.76 -43.62 10.59
N GLU J 8 -3.40 -43.60 9.30
CA GLU J 8 -2.80 -42.37 8.71
C GLU J 8 -3.88 -41.51 8.07
N GLN J 9 -5.04 -42.07 7.72
CA GLN J 9 -6.26 -41.29 7.33
C GLN J 9 -6.73 -40.49 8.56
N TYR J 10 -6.89 -41.18 9.68
CA TYR J 10 -7.35 -40.63 10.98
C TYR J 10 -6.37 -39.56 11.46
N GLU J 11 -5.06 -39.83 11.31
CA GLU J 11 -3.97 -38.94 11.78
C GLU J 11 -3.97 -37.67 10.93
N GLU J 12 -4.01 -37.78 9.60
CA GLU J 12 -4.08 -36.63 8.66
C GLU J 12 -5.24 -35.72 9.07
N PHE J 13 -6.39 -36.33 9.37
CA PHE J 13 -7.65 -35.64 9.76
C PHE J 13 -7.44 -34.91 11.08
N ILE J 14 -7.00 -35.63 12.12
CA ILE J 14 -6.72 -35.08 13.49
C ILE J 14 -5.74 -33.91 13.38
N ASN J 15 -4.72 -34.02 12.52
CA ASN J 15 -3.66 -32.97 12.37
C ASN J 15 -4.29 -31.73 11.71
N LEU J 16 -5.31 -31.92 10.86
CA LEU J 16 -6.03 -30.81 10.20
C LEU J 16 -6.89 -30.07 11.23
N LEU J 17 -7.53 -30.81 12.14
CA LEU J 17 -8.41 -30.24 13.20
C LEU J 17 -7.54 -29.43 14.18
N ASP J 18 -6.51 -30.07 14.75
CA ASP J 18 -5.57 -29.49 15.76
C ASP J 18 -4.54 -28.55 15.12
N ALA J 19 -4.56 -28.36 13.79
CA ALA J 19 -3.61 -27.50 13.05
C ALA J 19 -3.68 -26.06 13.60
N PRO J 20 -2.55 -25.33 13.58
CA PRO J 20 -2.55 -23.91 13.96
C PRO J 20 -3.62 -23.11 13.23
N VAL J 21 -4.28 -22.19 13.94
CA VAL J 21 -5.21 -21.19 13.35
C VAL J 21 -4.40 -20.23 12.45
N ALA J 22 -5.05 -19.62 11.46
CA ALA J 22 -4.50 -18.47 10.69
C ALA J 22 -4.52 -17.22 11.57
N ASP J 23 -3.72 -16.21 11.21
CA ASP J 23 -3.63 -14.90 11.91
C ASP J 23 -4.46 -13.87 11.15
N ASP J 24 -4.89 -12.80 11.84
CA ASP J 24 -5.42 -11.54 11.22
C ASP J 24 -4.51 -11.12 10.08
N PRO J 25 -5.06 -10.70 8.91
CA PRO J 25 -4.26 -10.28 7.77
C PRO J 25 -3.19 -9.20 8.05
N VAL J 26 -3.50 -8.23 8.92
CA VAL J 26 -2.55 -7.15 9.32
C VAL J 26 -1.36 -7.82 10.02
N ILE J 27 -1.64 -8.66 11.01
CA ILE J 27 -0.61 -9.37 11.83
C ILE J 27 0.22 -10.28 10.90
N GLU J 28 -0.44 -10.91 9.93
CA GLU J 28 0.16 -11.89 9.00
C GLU J 28 1.21 -11.19 8.14
N LYS J 29 0.94 -9.94 7.73
CA LYS J 29 1.92 -9.18 6.88
C LYS J 29 3.16 -8.89 7.74
N LEU J 30 2.96 -8.50 9.00
CA LEU J 30 4.05 -8.22 9.96
C LEU J 30 4.93 -9.47 10.18
N LEU J 31 4.31 -10.64 10.32
CA LEU J 31 5.04 -11.92 10.56
C LEU J 31 5.79 -12.35 9.30
N ALA J 32 5.29 -11.97 8.12
CA ALA J 32 5.83 -12.39 6.80
C ALA J 32 6.93 -11.42 6.35
N ARG J 33 6.97 -10.22 6.96
CA ARG J 33 7.92 -9.13 6.63
C ARG J 33 9.35 -9.69 6.57
N LYS J 34 10.09 -9.37 5.51
CA LYS J 34 11.53 -9.71 5.37
C LYS J 34 12.35 -8.48 5.73
N PRO J 35 13.08 -8.50 6.86
CA PRO J 35 13.71 -7.30 7.42
C PRO J 35 15.04 -6.93 6.73
N GLN J 36 15.59 -5.76 7.04
CA GLN J 36 16.75 -5.12 6.36
C GLN J 36 18.05 -5.92 6.54
N TRP J 37 18.19 -6.56 7.69
CA TRP J 37 19.38 -7.38 8.04
C TRP J 37 19.35 -8.68 7.22
N ASP J 38 18.23 -8.95 6.54
CA ASP J 38 18.05 -9.98 5.48
C ASP J 38 18.08 -11.38 6.12
N SER K 2 10.79 12.73 -15.83
CA SER K 2 9.57 13.02 -15.06
C SER K 2 9.87 13.72 -13.73
N PHE K 3 11.09 13.60 -13.16
CA PHE K 3 11.37 13.74 -11.71
C PHE K 3 12.27 14.96 -11.44
N ASN K 4 11.98 15.68 -10.35
CA ASN K 4 12.66 16.93 -9.93
C ASN K 4 13.45 16.64 -8.65
N PHE K 5 14.77 16.79 -8.73
CA PHE K 5 15.73 16.56 -7.62
C PHE K 5 16.19 17.91 -7.07
N ASN K 6 16.25 18.03 -5.74
CA ASN K 6 16.87 19.19 -5.05
C ASN K 6 18.40 19.06 -5.18
N ASP K 7 19.16 20.03 -4.66
CA ASP K 7 20.62 20.19 -4.89
C ASP K 7 21.38 18.96 -4.42
N GLU K 8 20.97 18.36 -3.29
CA GLU K 8 21.71 17.23 -2.67
C GLU K 8 21.21 15.90 -3.23
N GLN K 9 19.96 15.83 -3.71
CA GLN K 9 19.43 14.67 -4.46
C GLN K 9 20.18 14.57 -5.80
N TYR K 10 20.25 15.69 -6.52
CA TYR K 10 20.92 15.82 -7.84
C TYR K 10 22.40 15.48 -7.69
N GLU K 11 23.03 15.96 -6.62
CA GLU K 11 24.49 15.82 -6.37
C GLU K 11 24.78 14.33 -6.10
N GLU K 12 24.03 13.70 -5.18
CA GLU K 12 24.15 12.26 -4.86
C GLU K 12 24.10 11.44 -6.16
N PHE K 13 23.12 11.77 -7.01
CA PHE K 13 22.83 11.08 -8.29
C PHE K 13 24.01 11.26 -9.25
N ILE K 14 24.42 12.51 -9.50
CA ILE K 14 25.53 12.87 -10.42
C ILE K 14 26.81 12.16 -9.96
N ASN K 15 27.03 12.09 -8.64
CA ASN K 15 28.26 11.46 -8.07
C ASN K 15 28.22 9.95 -8.29
N LEU K 16 27.02 9.37 -8.33
CA LEU K 16 26.83 7.91 -8.57
C LEU K 16 27.13 7.60 -10.04
N LEU K 17 26.70 8.47 -10.96
CA LEU K 17 26.93 8.30 -12.42
C LEU K 17 28.42 8.42 -12.71
N ASP K 18 29.03 9.55 -12.31
CA ASP K 18 30.45 9.90 -12.58
C ASP K 18 31.39 9.20 -11.60
N ALA K 19 30.89 8.32 -10.72
CA ALA K 19 31.70 7.54 -9.76
C ALA K 19 32.72 6.70 -10.52
N PRO K 20 33.93 6.48 -9.96
CA PRO K 20 34.94 5.67 -10.63
C PRO K 20 34.36 4.31 -11.06
N VAL K 21 34.75 3.81 -12.23
CA VAL K 21 34.50 2.38 -12.62
C VAL K 21 35.04 1.49 -11.50
N ALA K 22 34.26 0.49 -11.08
CA ALA K 22 34.62 -0.37 -9.93
C ALA K 22 35.83 -1.21 -10.34
N ASP K 23 36.54 -1.78 -9.37
CA ASP K 23 37.81 -2.51 -9.66
C ASP K 23 37.46 -3.99 -9.84
N ASP K 24 38.17 -4.68 -10.74
CA ASP K 24 38.18 -6.17 -10.83
C ASP K 24 38.41 -6.73 -9.43
N PRO K 25 37.72 -7.82 -9.02
CA PRO K 25 37.88 -8.39 -7.68
C PRO K 25 39.31 -8.71 -7.25
N VAL K 26 40.16 -9.20 -8.18
CA VAL K 26 41.59 -9.50 -7.90
C VAL K 26 42.28 -8.18 -7.53
N ILE K 27 42.12 -7.15 -8.38
CA ILE K 27 42.73 -5.80 -8.22
C ILE K 27 42.26 -5.20 -6.89
N GLU K 28 40.98 -5.41 -6.54
CA GLU K 28 40.37 -4.87 -5.30
C GLU K 28 41.08 -5.48 -4.09
N LYS K 29 41.42 -6.77 -4.15
CA LYS K 29 42.14 -7.50 -3.09
C LYS K 29 43.53 -6.85 -2.92
N LEU K 30 44.21 -6.59 -4.04
CA LEU K 30 45.56 -5.95 -4.05
C LEU K 30 45.50 -4.57 -3.40
N LEU K 31 44.48 -3.77 -3.70
CA LEU K 31 44.33 -2.38 -3.18
C LEU K 31 43.98 -2.42 -1.69
N ALA K 32 43.33 -3.49 -1.23
CA ALA K 32 42.84 -3.64 0.16
C ALA K 32 43.94 -4.23 1.03
N ARG K 33 44.95 -4.87 0.42
CA ARG K 33 46.13 -5.44 1.13
C ARG K 33 46.73 -4.37 2.04
N LYS K 34 46.99 -4.73 3.31
CA LYS K 34 47.69 -3.87 4.29
C LYS K 34 49.14 -4.37 4.37
N PRO K 35 50.11 -3.57 3.87
CA PRO K 35 51.49 -4.04 3.70
C PRO K 35 52.29 -4.07 5.01
N GLN K 36 53.41 -4.80 4.99
CA GLN K 36 54.14 -5.24 6.21
C GLN K 36 55.06 -4.12 6.70
N TRP K 37 54.84 -2.86 6.31
CA TRP K 37 55.59 -1.68 6.85
C TRP K 37 54.68 -0.75 7.67
N ASP K 38 53.34 -0.85 7.56
CA ASP K 38 52.37 0.08 8.21
C ASP K 38 51.26 0.47 7.22
N GLY L 1 58.91 5.30 -22.61
CA GLY L 1 59.25 6.62 -23.16
C GLY L 1 58.33 7.03 -24.32
N SER L 2 58.03 6.09 -25.22
CA SER L 2 57.01 6.24 -26.29
C SER L 2 56.84 4.90 -27.02
N PHE L 3 55.61 4.37 -27.08
CA PHE L 3 55.29 3.06 -27.71
C PHE L 3 54.31 3.30 -28.87
N ASN L 4 54.58 2.66 -30.02
CA ASN L 4 53.75 2.75 -31.25
C ASN L 4 53.05 1.40 -31.46
N PHE L 5 51.72 1.43 -31.48
CA PHE L 5 50.84 0.24 -31.61
C PHE L 5 50.29 0.16 -33.05
N ASN L 6 50.29 -1.04 -33.62
CA ASN L 6 49.62 -1.33 -34.92
C ASN L 6 48.11 -1.37 -34.65
N ASP L 7 47.30 -1.54 -35.70
CA ASP L 7 45.82 -1.38 -35.67
C ASP L 7 45.18 -2.34 -34.67
N GLU L 8 45.70 -3.56 -34.55
CA GLU L 8 45.15 -4.66 -33.69
C GLU L 8 45.64 -4.49 -32.24
N GLN L 9 46.87 -3.98 -32.07
CA GLN L 9 47.45 -3.63 -30.75
C GLN L 9 46.64 -2.48 -30.15
N TYR L 10 46.46 -1.41 -30.94
CA TYR L 10 45.72 -0.18 -30.57
C TYR L 10 44.27 -0.51 -30.24
N GLU L 11 43.65 -1.40 -31.02
CA GLU L 11 42.22 -1.77 -30.87
C GLU L 11 42.05 -2.57 -29.58
N GLU L 12 42.89 -3.58 -29.36
CA GLU L 12 42.89 -4.38 -28.10
C GLU L 12 42.98 -3.44 -26.89
N PHE L 13 43.86 -2.45 -26.96
CA PHE L 13 44.15 -1.46 -25.90
C PHE L 13 42.91 -0.58 -25.66
N ILE L 14 42.38 0.03 -26.72
CA ILE L 14 41.16 0.90 -26.68
C ILE L 14 40.00 0.11 -26.06
N ASN L 15 39.86 -1.17 -26.42
CA ASN L 15 38.74 -2.03 -25.94
C ASN L 15 38.92 -2.30 -24.44
N LEU L 16 40.18 -2.36 -23.97
CA LEU L 16 40.51 -2.58 -22.54
C LEU L 16 40.14 -1.34 -21.74
N LEU L 17 40.42 -0.14 -22.28
CA LEU L 17 40.12 1.16 -21.62
C LEU L 17 38.60 1.34 -21.51
N ASP L 18 37.91 1.26 -22.65
CA ASP L 18 36.45 1.49 -22.79
C ASP L 18 35.64 0.26 -22.33
N ALA L 19 36.26 -0.83 -21.87
CA ALA L 19 35.50 -2.04 -21.44
C ALA L 19 34.58 -1.69 -20.26
N PRO L 20 33.40 -2.34 -20.14
CA PRO L 20 32.58 -2.22 -18.93
C PRO L 20 33.04 -3.13 -17.78
N VAL L 21 32.86 -2.70 -16.52
CA VAL L 21 33.01 -3.59 -15.33
C VAL L 21 31.73 -3.47 -14.50
N ALA L 22 31.20 -4.59 -13.99
CA ALA L 22 30.02 -4.57 -13.07
C ALA L 22 30.45 -3.84 -11.80
N ASP L 23 29.69 -2.83 -11.34
CA ASP L 23 30.11 -2.11 -10.11
C ASP L 23 30.24 -3.19 -9.04
N ASP L 24 29.26 -4.11 -8.97
CA ASP L 24 29.06 -4.92 -7.75
C ASP L 24 29.04 -6.42 -8.08
N PRO L 25 29.76 -7.26 -7.31
CA PRO L 25 29.60 -8.71 -7.38
C PRO L 25 28.14 -9.22 -7.24
N VAL L 26 27.31 -8.54 -6.44
CA VAL L 26 25.87 -8.86 -6.28
C VAL L 26 25.19 -8.67 -7.65
N ILE L 27 25.37 -7.51 -8.29
CA ILE L 27 24.81 -7.18 -9.64
C ILE L 27 25.28 -8.23 -10.66
N GLU L 28 26.56 -8.62 -10.57
CA GLU L 28 27.18 -9.60 -11.49
C GLU L 28 26.47 -10.96 -11.35
N LYS L 29 26.14 -11.33 -10.10
CA LYS L 29 25.43 -12.59 -9.77
C LYS L 29 24.04 -12.56 -10.42
N LEU L 30 23.35 -11.41 -10.31
CA LEU L 30 22.00 -11.19 -10.88
C LEU L 30 22.04 -11.35 -12.41
N LEU L 31 23.07 -10.80 -13.07
CA LEU L 31 23.22 -10.85 -14.54
C LEU L 31 23.55 -12.29 -14.99
N ALA L 32 24.19 -13.08 -14.13
CA ALA L 32 24.64 -14.46 -14.45
C ALA L 32 23.51 -15.46 -14.18
N ARG L 33 22.50 -15.06 -13.40
CA ARG L 33 21.33 -15.91 -13.06
C ARG L 33 20.72 -16.50 -14.34
N LYS L 34 20.49 -17.82 -14.36
CA LYS L 34 19.82 -18.50 -15.50
C LYS L 34 18.39 -18.80 -15.04
N PRO L 35 17.37 -18.11 -15.61
CA PRO L 35 16.02 -18.14 -15.05
C PRO L 35 15.24 -19.42 -15.39
N GLN L 36 14.12 -19.65 -14.67
CA GLN L 36 13.40 -20.94 -14.62
C GLN L 36 12.55 -21.16 -15.88
N TRP L 37 12.65 -20.30 -16.89
CA TRP L 37 11.95 -20.47 -18.19
C TRP L 37 12.96 -20.93 -19.26
N ASP L 38 14.25 -20.93 -18.90
CA ASP L 38 15.36 -21.43 -19.77
C ASP L 38 15.78 -22.80 -19.25
#